data_8JKV
#
_entry.id   8JKV
#
_cell.length_a   1.00
_cell.length_b   1.00
_cell.length_c   1.00
_cell.angle_alpha   90.00
_cell.angle_beta   90.00
_cell.angle_gamma   90.00
#
_symmetry.space_group_name_H-M   'P 1'
#
loop_
_entity.id
_entity.type
_entity.pdbx_description
1 polymer 'Heparan-alpha-glucosaminide N-acetyltransferase'
2 branched 2-acetamido-2-deoxy-beta-D-glucopyranose-(1-4)-2-acetamido-2-deoxy-beta-D-glucopyranose
3 non-polymer 2-acetamido-2-deoxy-beta-D-glucopyranose
4 non-polymer DODECANE
5 non-polymer N-OCTANE
6 non-polymer TETRADECANE
7 non-polymer CHOLESTEROL
8 non-polymer DECANE
9 non-polymer HEXADECANE
#
_entity_poly.entity_id   1
_entity_poly.type   'polypeptide(L)'
_entity_poly.pdbx_seq_one_letter_code
;MTGARASAAEQRRAGRSGQARAAERAAGMSGAGRALAALLLAASVLSAALLAPGGSSGRDAQAAPPRDLDKKRHAELKMD
QALLLIHNELLWTNLTVYWKSECCYHCLFQVLVNVPQSPKAGKPSAAAASVSTQHGSILQLNDTLEEKEVCRLEYRFGEF
GNYSLLVKNIHNGVSEIACDLAVNEDPVDSNLPVSIAFLIGLAVIIVISFLRLLLSLDDFNNWISKAISSRETDRLINSE
LGSPSRTDPLDGDVQPATWRLSALPPRLRSVDTFRGIALILMVFVNYGGGKYWYFKHASWNGLTVADLVFPWFVFIMGSS
IFLSMTSILQRGCSKFRLLGKIAWRSFLLICIGIIIVNPNYCLGPLSWDKVRIPGVLQRLGVTYFVVAVLELLFAKPVPE
HCASERSCLSLRDITSSWPQWLLILVLEGLWLGLTFLLPVPGCPTGYLGPGGIGDFGKYPNCTGGAAGYIDRLLLGDDHL
YQHPSSAVLYHTEVAYDPEGILGTINSIVMAFLGVQAGKILLYYKARTKDILIRFTAWCCILGLISVALTKVSENEGFIP
VNKNLWSLSYVTTLSSFAFFILLVLYPVVDVKGLWTGTPFFYPGMNSILVYVGHEVFENYFPFQWKLKDNQSHKEHLTQN
IVATALWVLIAYILYRKKIFWKIGSGGGGSGGGGSGGGWSHPQFEKGGGSGGGSGGSAWSHPQFEK
;
_entity_poly.pdbx_strand_id   A,B
#
# COMPACT_ATOMS: atom_id res chain seq x y z
N ALA A 75 -26.80 19.06 12.72
CA ALA A 75 -25.92 20.01 13.40
C ALA A 75 -24.45 19.65 13.20
N GLU A 76 -23.66 19.81 14.25
CA GLU A 76 -22.27 19.38 14.28
C GLU A 76 -22.13 17.99 14.88
N LEU A 77 -23.23 17.25 14.97
CA LEU A 77 -23.22 15.92 15.57
C LEU A 77 -22.44 14.95 14.68
N LYS A 78 -21.64 14.10 15.31
CA LYS A 78 -20.93 13.07 14.59
C LYS A 78 -21.81 11.83 14.49
N MET A 79 -21.24 10.74 13.98
CA MET A 79 -21.96 9.50 13.88
C MET A 79 -22.28 8.97 15.26
N ASP A 80 -23.51 8.46 15.42
CA ASP A 80 -23.95 7.82 16.66
C ASP A 80 -23.85 8.75 17.86
N GLN A 81 -24.31 9.99 17.70
CA GLN A 81 -24.43 10.93 18.79
C GLN A 81 -25.74 11.69 18.67
N ALA A 82 -26.21 12.17 19.82
CA ALA A 82 -27.40 13.01 19.90
C ALA A 82 -27.05 14.29 20.65
N LEU A 83 -27.92 15.27 20.52
CA LEU A 83 -27.76 16.55 21.20
C LEU A 83 -28.63 16.58 22.45
N LEU A 84 -28.06 17.06 23.55
CA LEU A 84 -28.78 17.18 24.81
C LEU A 84 -28.62 18.60 25.31
N LEU A 85 -29.71 19.37 25.26
CA LEU A 85 -29.71 20.74 25.77
C LEU A 85 -30.24 20.72 27.20
N ILE A 86 -29.46 21.27 28.12
CA ILE A 86 -29.78 21.25 29.54
C ILE A 86 -30.12 22.67 29.97
N HIS A 87 -31.34 22.87 30.43
CA HIS A 87 -31.82 24.18 30.86
C HIS A 87 -31.94 24.21 32.37
N ASN A 88 -31.29 25.20 32.99
CA ASN A 88 -31.27 25.34 34.44
C ASN A 88 -32.29 26.40 34.84
N GLU A 89 -33.36 25.97 35.48
CA GLU A 89 -34.37 26.88 35.99
C GLU A 89 -34.10 27.32 37.43
N LEU A 90 -32.96 26.91 37.98
CA LEU A 90 -32.62 27.18 39.38
C LEU A 90 -31.74 28.41 39.47
N LEU A 91 -32.00 29.25 40.46
CA LEU A 91 -31.29 30.51 40.63
C LEU A 91 -30.10 30.41 41.57
N TRP A 92 -30.07 29.42 42.46
CA TRP A 92 -29.10 29.40 43.55
C TRP A 92 -28.03 28.35 43.40
N THR A 93 -28.33 27.18 42.83
CA THR A 93 -27.39 26.07 42.77
C THR A 93 -26.98 25.82 41.34
N ASN A 94 -25.67 25.80 41.09
CA ASN A 94 -25.16 25.30 39.83
C ASN A 94 -25.37 23.78 39.76
N LEU A 95 -25.20 23.25 38.55
CA LEU A 95 -25.29 21.81 38.35
C LEU A 95 -24.12 21.33 37.50
N THR A 96 -23.68 20.11 37.78
CA THR A 96 -22.73 19.40 36.94
C THR A 96 -23.34 18.08 36.51
N VAL A 97 -23.14 17.72 35.25
CA VAL A 97 -23.82 16.60 34.63
C VAL A 97 -22.82 15.48 34.41
N TYR A 98 -23.13 14.30 34.92
CA TYR A 98 -22.26 13.14 34.83
C TYR A 98 -22.90 12.10 33.94
N TRP A 99 -22.11 11.53 33.03
CA TRP A 99 -22.61 10.58 32.05
C TRP A 99 -21.91 9.24 32.22
N LYS A 100 -22.69 8.16 32.21
CA LYS A 100 -22.17 6.80 32.27
C LYS A 100 -22.94 5.94 31.30
N SER A 101 -22.22 5.13 30.52
CA SER A 101 -22.87 4.21 29.58
C SER A 101 -23.43 3.00 30.32
N GLU A 102 -24.48 2.42 29.75
CA GLU A 102 -25.00 1.18 30.33
C GLU A 102 -24.15 -0.02 29.96
N CYS A 103 -23.42 0.05 28.86
CA CYS A 103 -22.59 -1.08 28.44
C CYS A 103 -21.47 -1.37 29.43
N CYS A 104 -20.92 -0.33 30.06
CA CYS A 104 -19.88 -0.52 31.06
C CYS A 104 -20.26 -1.55 32.11
N TYR A 105 -19.23 -2.17 32.67
CA TYR A 105 -19.30 -2.90 33.92
C TYR A 105 -18.45 -2.12 34.92
N HIS A 106 -19.11 -1.34 35.77
CA HIS A 106 -18.48 -0.62 36.87
C HIS A 106 -17.59 0.52 36.42
N CYS A 107 -17.90 1.18 35.31
CA CYS A 107 -17.19 2.41 34.98
C CYS A 107 -17.45 3.47 36.04
N LEU A 108 -16.66 4.54 35.96
CA LEU A 108 -16.89 5.74 36.74
C LEU A 108 -17.75 6.71 35.95
N PHE A 109 -18.47 7.57 36.67
CA PHE A 109 -19.17 8.67 36.02
C PHE A 109 -18.16 9.70 35.55
N GLN A 110 -18.30 10.15 34.32
CA GLN A 110 -17.42 11.15 33.74
C GLN A 110 -18.19 12.45 33.54
N VAL A 111 -17.49 13.58 33.68
CA VAL A 111 -18.14 14.87 33.55
C VAL A 111 -18.62 15.05 32.12
N LEU A 112 -19.86 15.49 31.96
CA LEU A 112 -20.42 15.77 30.64
C LEU A 112 -20.36 17.26 30.32
N VAL A 113 -21.00 18.09 31.15
CA VAL A 113 -21.01 19.54 30.93
C VAL A 113 -21.39 20.20 32.24
N ASN A 114 -20.89 21.42 32.44
CA ASN A 114 -21.22 22.24 33.59
C ASN A 114 -22.21 23.32 33.19
N VAL A 115 -23.35 23.39 33.88
CA VAL A 115 -24.39 24.34 33.58
C VAL A 115 -24.49 25.35 34.73
N PRO A 116 -24.23 26.62 34.49
CA PRO A 116 -24.29 27.62 35.57
C PRO A 116 -25.72 27.94 35.96
N GLN A 117 -25.85 28.57 37.12
CA GLN A 117 -27.16 28.95 37.64
C GLN A 117 -27.79 30.04 36.79
N SER A 118 -29.12 30.08 36.79
CA SER A 118 -29.82 31.12 36.07
C SER A 118 -29.64 32.45 36.79
N PRO A 119 -29.18 33.50 36.10
CA PRO A 119 -28.91 34.77 36.79
C PRO A 119 -30.17 35.46 37.30
N LYS A 120 -31.21 35.50 36.46
CA LYS A 120 -32.46 36.15 36.79
C LYS A 120 -33.61 35.18 36.56
N ALA A 121 -34.67 35.34 37.34
CA ALA A 121 -35.83 34.48 37.20
C ALA A 121 -36.46 34.65 35.82
N GLY A 122 -36.89 33.55 35.24
CA GLY A 122 -37.47 33.56 33.90
C GLY A 122 -36.46 33.52 32.77
N LYS A 123 -35.16 33.46 33.07
CA LYS A 123 -34.11 33.38 32.06
C LYS A 123 -33.23 32.19 32.40
N PRO A 124 -33.68 30.97 32.11
CA PRO A 124 -32.88 29.79 32.43
C PRO A 124 -31.58 29.75 31.66
N SER A 125 -30.53 29.24 32.31
CA SER A 125 -29.26 29.04 31.65
C SER A 125 -29.31 27.81 30.77
N ALA A 126 -28.49 27.81 29.71
CA ALA A 126 -28.48 26.73 28.74
C ALA A 126 -27.06 26.30 28.44
N ALA A 127 -26.89 25.00 28.22
CA ALA A 127 -25.63 24.44 27.74
C ALA A 127 -25.95 23.14 27.02
N ALA A 128 -25.15 22.84 26.01
CA ALA A 128 -25.39 21.69 25.14
C ALA A 128 -24.30 20.65 25.33
N ALA A 129 -24.61 19.41 24.94
CA ALA A 129 -23.66 18.33 25.02
C ALA A 129 -24.02 17.28 23.97
N SER A 130 -23.05 16.43 23.66
CA SER A 130 -23.25 15.29 22.78
C SER A 130 -23.14 14.02 23.60
N VAL A 131 -24.15 13.17 23.52
CA VAL A 131 -24.19 11.92 24.25
C VAL A 131 -24.15 10.77 23.26
N SER A 132 -23.38 9.73 23.59
CA SER A 132 -23.31 8.57 22.73
C SER A 132 -24.65 7.85 22.70
N THR A 133 -25.04 7.38 21.51
CA THR A 133 -26.33 6.76 21.30
C THR A 133 -26.22 5.29 20.96
N GLN A 134 -25.03 4.71 21.04
CA GLN A 134 -24.86 3.30 20.74
C GLN A 134 -25.48 2.43 21.82
N HIS A 135 -25.27 2.79 23.08
CA HIS A 135 -25.83 2.09 24.23
C HIS A 135 -26.63 3.08 25.08
N GLY A 136 -27.39 2.55 26.02
CA GLY A 136 -28.16 3.41 26.89
C GLY A 136 -27.26 4.25 27.79
N SER A 137 -27.74 5.45 28.12
CA SER A 137 -26.98 6.41 28.90
C SER A 137 -27.56 6.52 30.30
N ILE A 138 -26.69 6.85 31.25
CA ILE A 138 -27.09 7.17 32.62
C ILE A 138 -26.56 8.56 32.93
N LEU A 139 -27.47 9.48 33.22
CA LEU A 139 -27.11 10.86 33.51
C LEU A 139 -27.31 11.15 34.99
N GLN A 140 -26.41 11.89 35.58
CA GLN A 140 -26.50 12.27 36.98
C GLN A 140 -26.33 13.77 37.10
N LEU A 141 -27.23 14.42 37.82
CA LEU A 141 -27.19 15.85 38.07
C LEU A 141 -26.74 16.07 39.51
N ASN A 142 -25.62 16.76 39.68
CA ASN A 142 -25.06 17.00 41.00
C ASN A 142 -24.82 18.49 41.19
N ASP A 143 -25.22 19.01 42.35
CA ASP A 143 -24.90 20.38 42.71
C ASP A 143 -23.39 20.49 42.94
N THR A 144 -22.75 21.47 42.30
CA THR A 144 -21.29 21.50 42.29
C THR A 144 -20.71 21.80 43.67
N LEU A 145 -21.37 22.68 44.44
CA LEU A 145 -20.87 23.00 45.77
C LEU A 145 -21.29 21.97 46.79
N GLU A 146 -22.60 21.68 46.85
CA GLU A 146 -23.11 20.75 47.84
C GLU A 146 -22.62 19.33 47.60
N GLU A 147 -22.29 19.00 46.35
CA GLU A 147 -21.90 17.64 45.96
C GLU A 147 -22.98 16.64 46.39
N LYS A 148 -24.23 16.98 46.09
CA LYS A 148 -25.39 16.17 46.45
C LYS A 148 -26.21 15.93 45.18
N GLU A 149 -26.76 14.73 45.08
CA GLU A 149 -27.46 14.30 43.87
C GLU A 149 -28.87 14.89 43.89
N VAL A 150 -29.10 15.85 43.00
CA VAL A 150 -30.42 16.48 42.94
C VAL A 150 -31.37 15.68 42.06
N CYS A 151 -30.85 14.97 41.05
CA CYS A 151 -31.69 14.38 40.03
C CYS A 151 -30.85 13.42 39.19
N ARG A 152 -31.43 12.26 38.89
CA ARG A 152 -30.76 11.25 38.07
C ARG A 152 -31.78 10.61 37.14
N LEU A 153 -31.40 10.46 35.88
CA LEU A 153 -32.26 9.81 34.89
C LEU A 153 -31.41 8.94 33.99
N GLU A 154 -31.97 7.81 33.57
CA GLU A 154 -31.33 6.93 32.61
C GLU A 154 -32.22 6.83 31.38
N TYR A 155 -31.63 7.08 30.21
CA TYR A 155 -32.40 7.14 28.97
C TYR A 155 -31.53 6.63 27.84
N ARG A 156 -32.18 6.19 26.77
CA ARG A 156 -31.51 5.68 25.58
C ARG A 156 -31.73 6.69 24.46
N PHE A 157 -30.73 7.53 24.21
CA PHE A 157 -30.83 8.54 23.18
C PHE A 157 -30.65 7.92 21.81
N GLY A 158 -31.28 8.54 20.81
CA GLY A 158 -31.22 8.07 19.45
C GLY A 158 -30.30 8.92 18.59
N GLU A 159 -29.84 8.34 17.50
CA GLU A 159 -28.85 9.00 16.66
C GLU A 159 -29.40 10.29 16.07
N PHE A 160 -28.58 11.33 16.10
CA PHE A 160 -28.91 12.64 15.53
C PHE A 160 -30.16 13.25 16.15
N GLY A 161 -30.51 12.84 17.37
CA GLY A 161 -31.63 13.44 18.03
C GLY A 161 -31.33 14.82 18.56
N ASN A 162 -32.38 15.54 18.89
CA ASN A 162 -32.30 16.88 19.48
C ASN A 162 -33.15 16.83 20.75
N TYR A 163 -32.50 16.72 21.90
CA TYR A 163 -33.20 16.52 23.16
C TYR A 163 -33.00 17.72 24.06
N SER A 164 -33.98 17.98 24.92
CA SER A 164 -33.92 19.08 25.87
C SER A 164 -34.19 18.55 27.27
N LEU A 165 -33.33 18.92 28.21
CA LEU A 165 -33.48 18.55 29.61
C LEU A 165 -33.74 19.81 30.43
N LEU A 166 -34.84 19.81 31.18
CA LEU A 166 -35.23 20.96 31.98
C LEU A 166 -35.15 20.57 33.45
N VAL A 167 -34.41 21.34 34.23
CA VAL A 167 -34.27 21.12 35.67
C VAL A 167 -35.20 22.11 36.34
N LYS A 168 -36.43 21.66 36.59
CA LYS A 168 -37.46 22.53 37.14
C LYS A 168 -37.25 22.77 38.63
N ASN A 169 -38.11 23.60 39.20
CA ASN A 169 -38.16 23.83 40.63
C ASN A 169 -39.58 23.59 41.11
N ILE A 170 -39.71 22.83 42.20
CA ILE A 170 -40.99 22.38 42.76
C ILE A 170 -42.02 22.05 41.68
N GLU A 176 -38.80 21.09 45.89
CA GLU A 176 -38.23 19.90 45.26
C GLU A 176 -37.61 20.25 43.92
N ILE A 177 -36.79 19.33 43.39
CA ILE A 177 -36.16 19.48 42.09
C ILE A 177 -36.49 18.25 41.26
N ALA A 178 -36.97 18.48 40.04
CA ALA A 178 -37.37 17.40 39.14
C ALA A 178 -36.86 17.69 37.74
N CYS A 179 -36.65 16.62 36.97
CA CYS A 179 -36.15 16.72 35.60
C CYS A 179 -37.14 16.09 34.64
N ASP A 180 -37.32 16.73 33.49
CA ASP A 180 -38.16 16.20 32.42
C ASP A 180 -37.39 16.28 31.11
N LEU A 181 -37.35 15.18 30.38
CA LEU A 181 -36.62 15.09 29.13
C LEU A 181 -37.62 15.09 27.98
N ALA A 182 -37.50 16.08 27.11
CA ALA A 182 -38.40 16.25 25.97
C ALA A 182 -37.64 16.07 24.67
N VAL A 183 -38.28 15.46 23.69
CA VAL A 183 -37.66 15.17 22.40
C VAL A 183 -38.06 16.29 21.46
N ASN A 184 -37.15 17.24 21.25
CA ASN A 184 -37.44 18.33 20.32
C ASN A 184 -37.55 17.82 18.89
N GLU A 185 -36.55 17.06 18.45
CA GLU A 185 -36.55 16.46 17.13
C GLU A 185 -36.30 14.96 17.30
N ASP A 186 -37.11 14.15 16.64
CA ASP A 186 -37.00 12.72 16.75
C ASP A 186 -35.71 12.22 16.09
N PRO A 187 -35.09 11.19 16.65
CA PRO A 187 -33.87 10.64 16.06
C PRO A 187 -34.15 9.83 14.80
N VAL A 188 -33.09 9.54 14.06
CA VAL A 188 -33.19 8.74 12.86
C VAL A 188 -33.09 7.26 13.23
N ASP A 189 -33.48 6.40 12.29
CA ASP A 189 -33.33 4.96 12.44
C ASP A 189 -31.95 4.57 11.90
N SER A 190 -31.02 4.31 12.80
CA SER A 190 -29.64 4.04 12.39
C SER A 190 -29.43 2.64 11.86
N ASN A 191 -30.29 1.69 12.22
CA ASN A 191 -30.18 0.31 11.78
C ASN A 191 -31.01 0.02 10.54
N LEU A 192 -31.61 1.04 9.94
CA LEU A 192 -32.37 0.83 8.70
C LEU A 192 -31.51 0.32 7.55
N PRO A 193 -30.32 0.85 7.27
CA PRO A 193 -29.50 0.23 6.21
C PRO A 193 -29.18 -1.23 6.44
N VAL A 194 -28.96 -1.64 7.70
CA VAL A 194 -28.69 -3.04 7.97
C VAL A 194 -29.95 -3.88 7.76
N SER A 195 -31.11 -3.35 8.16
CA SER A 195 -32.36 -4.06 7.91
C SER A 195 -32.62 -4.21 6.41
N ILE A 196 -32.38 -3.15 5.65
CA ILE A 196 -32.62 -3.20 4.21
C ILE A 196 -31.60 -4.11 3.52
N ALA A 197 -30.36 -4.11 3.99
CA ALA A 197 -29.33 -4.95 3.36
C ALA A 197 -29.66 -6.42 3.48
N PHE A 198 -30.21 -6.84 4.62
CA PHE A 198 -30.59 -8.24 4.77
C PHE A 198 -31.79 -8.58 3.90
N LEU A 199 -32.72 -7.65 3.70
CA LEU A 199 -33.84 -7.88 2.80
C LEU A 199 -33.38 -8.00 1.36
N ILE A 200 -32.42 -7.18 0.96
CA ILE A 200 -31.89 -7.26 -0.40
C ILE A 200 -31.21 -8.61 -0.63
N GLY A 201 -30.37 -9.03 0.32
CA GLY A 201 -29.68 -10.29 0.17
C GLY A 201 -30.63 -11.49 0.22
N LEU A 202 -31.63 -11.43 1.09
CA LEU A 202 -32.63 -12.49 1.15
C LEU A 202 -33.43 -12.57 -0.14
N ALA A 203 -33.77 -11.41 -0.72
CA ALA A 203 -34.51 -11.40 -1.98
C ALA A 203 -33.69 -12.01 -3.11
N VAL A 204 -32.40 -11.70 -3.17
CA VAL A 204 -31.54 -12.25 -4.22
C VAL A 204 -31.43 -13.76 -4.09
N ILE A 205 -31.36 -14.26 -2.86
CA ILE A 205 -31.32 -15.71 -2.65
C ILE A 205 -32.58 -16.37 -3.18
N ILE A 206 -33.75 -15.80 -2.84
CA ILE A 206 -35.01 -16.37 -3.30
C ILE A 206 -35.15 -16.23 -4.81
N VAL A 207 -34.75 -15.09 -5.37
CA VAL A 207 -34.88 -14.89 -6.81
C VAL A 207 -34.02 -15.89 -7.57
N ILE A 208 -32.76 -16.05 -7.16
CA ILE A 208 -31.87 -16.98 -7.84
C ILE A 208 -32.35 -18.42 -7.66
N SER A 209 -32.77 -18.78 -6.45
CA SER A 209 -33.30 -20.12 -6.22
C SER A 209 -34.55 -20.36 -7.06
N PHE A 210 -35.42 -19.36 -7.16
CA PHE A 210 -36.59 -19.48 -8.02
C PHE A 210 -36.19 -19.51 -9.50
N LEU A 211 -35.21 -18.68 -9.88
CA LEU A 211 -34.81 -18.61 -11.28
C LEU A 211 -34.12 -19.90 -11.72
N ARG A 212 -33.19 -20.41 -10.92
CA ARG A 212 -32.49 -21.64 -11.27
C ARG A 212 -33.44 -22.83 -11.31
N LEU A 213 -34.38 -22.89 -10.37
CA LEU A 213 -35.34 -24.00 -10.33
C LEU A 213 -36.21 -24.01 -11.58
N LEU A 214 -36.66 -22.84 -12.02
CA LEU A 214 -37.51 -22.77 -13.22
C LEU A 214 -36.76 -23.24 -14.46
N LEU A 215 -35.50 -22.84 -14.59
CA LEU A 215 -34.70 -23.24 -15.75
C LEU A 215 -34.22 -24.68 -15.63
N PRO A 266 -11.40 -37.16 -1.99
CA PRO A 266 -10.81 -35.84 -2.24
C PRO A 266 -11.08 -34.82 -1.14
N ARG A 267 -11.68 -33.70 -1.50
CA ARG A 267 -11.89 -32.59 -0.59
C ARG A 267 -13.32 -32.59 -0.08
N LEU A 268 -13.50 -32.14 1.16
CA LEU A 268 -14.82 -31.92 1.75
C LEU A 268 -15.27 -30.51 1.43
N ARG A 269 -16.42 -30.38 0.77
CA ARG A 269 -16.87 -29.07 0.34
C ARG A 269 -17.33 -28.20 1.51
N SER A 270 -17.84 -28.81 2.58
CA SER A 270 -18.37 -28.03 3.69
C SER A 270 -17.26 -27.34 4.48
N VAL A 271 -16.07 -27.91 4.53
CA VAL A 271 -14.96 -27.28 5.23
C VAL A 271 -14.51 -26.02 4.49
N ASP A 272 -14.45 -26.09 3.15
CA ASP A 272 -14.11 -24.92 2.36
C ASP A 272 -15.21 -23.86 2.43
N THR A 273 -16.47 -24.30 2.43
CA THR A 273 -17.58 -23.37 2.56
C THR A 273 -17.53 -22.63 3.89
N PHE A 274 -17.25 -23.35 4.99
CA PHE A 274 -17.29 -22.73 6.31
C PHE A 274 -16.06 -21.85 6.52
N ARG A 275 -14.93 -22.24 5.94
CA ARG A 275 -13.76 -21.37 5.95
C ARG A 275 -14.00 -20.11 5.15
N GLY A 276 -14.71 -20.21 4.03
CA GLY A 276 -15.00 -19.02 3.23
C GLY A 276 -15.96 -18.07 3.91
N ILE A 277 -16.94 -18.60 4.63
CA ILE A 277 -17.85 -17.74 5.40
C ILE A 277 -17.09 -16.98 6.48
N ALA A 278 -16.24 -17.68 7.22
CA ALA A 278 -15.44 -17.01 8.25
C ALA A 278 -14.55 -15.93 7.65
N LEU A 279 -13.90 -16.23 6.52
CA LEU A 279 -13.02 -15.26 5.88
C LEU A 279 -13.78 -14.07 5.31
N ILE A 280 -14.95 -14.30 4.73
CA ILE A 280 -15.75 -13.21 4.17
C ILE A 280 -16.15 -12.24 5.27
N LEU A 281 -16.59 -12.77 6.41
CA LEU A 281 -16.94 -11.90 7.52
C LEU A 281 -15.72 -11.20 8.10
N MET A 282 -14.56 -11.84 8.07
CA MET A 282 -13.33 -11.16 8.50
C MET A 282 -13.02 -9.97 7.61
N VAL A 283 -13.19 -10.12 6.30
CA VAL A 283 -12.95 -9.00 5.39
C VAL A 283 -13.96 -7.88 5.63
N PHE A 284 -15.23 -8.22 5.80
CA PHE A 284 -16.26 -7.21 6.05
C PHE A 284 -16.00 -6.46 7.35
N VAL A 285 -15.60 -7.18 8.39
CA VAL A 285 -15.39 -6.58 9.71
C VAL A 285 -14.14 -5.71 9.71
N ASN A 286 -13.07 -6.15 9.04
CA ASN A 286 -11.84 -5.35 9.03
C ASN A 286 -12.04 -4.01 8.35
N TYR A 287 -12.80 -3.99 7.25
CA TYR A 287 -13.10 -2.73 6.57
C TYR A 287 -13.89 -1.76 7.44
N GLY A 288 -14.59 -2.25 8.46
CA GLY A 288 -15.28 -1.35 9.36
C GLY A 288 -16.62 -1.86 9.81
N GLY A 289 -17.27 -2.69 8.99
CA GLY A 289 -18.57 -3.22 9.33
C GLY A 289 -19.66 -2.17 9.39
N GLY A 290 -19.62 -1.19 8.50
CA GLY A 290 -20.61 -0.13 8.48
C GLY A 290 -20.47 0.89 9.57
N LYS A 291 -19.38 0.84 10.35
CA LYS A 291 -19.20 1.63 11.56
C LYS A 291 -20.25 1.32 12.62
N TYR A 292 -20.78 0.10 12.58
CA TYR A 292 -21.78 -0.34 13.54
C TYR A 292 -21.09 -0.98 14.73
N TRP A 293 -21.62 -0.74 15.92
CA TRP A 293 -20.96 -1.22 17.12
C TRP A 293 -21.00 -2.74 17.25
N TYR A 294 -21.91 -3.40 16.56
CA TYR A 294 -22.01 -4.86 16.62
C TYR A 294 -21.30 -5.55 15.48
N PHE A 295 -20.72 -4.79 14.55
CA PHE A 295 -19.79 -5.33 13.58
C PHE A 295 -18.37 -4.91 13.92
N LYS A 296 -18.14 -4.52 15.16
CA LYS A 296 -16.84 -4.20 15.72
C LYS A 296 -16.56 -5.14 16.89
N HIS A 297 -15.33 -5.11 17.38
CA HIS A 297 -14.98 -5.92 18.53
C HIS A 297 -15.54 -5.30 19.80
N ALA A 298 -15.95 -6.16 20.73
CA ALA A 298 -16.44 -5.66 22.01
C ALA A 298 -15.32 -4.96 22.75
N SER A 299 -15.69 -4.03 23.63
CA SER A 299 -14.67 -3.29 24.36
C SER A 299 -13.86 -4.23 25.24
N TRP A 300 -14.48 -4.83 26.24
CA TRP A 300 -13.79 -5.90 26.96
C TRP A 300 -14.53 -7.24 26.86
N ASN A 301 -15.74 -7.34 27.39
CA ASN A 301 -16.39 -8.64 27.58
C ASN A 301 -17.57 -8.79 26.65
N GLY A 302 -17.97 -10.04 26.46
CA GLY A 302 -19.10 -10.35 25.62
C GLY A 302 -18.70 -10.62 24.18
N LEU A 303 -19.73 -10.80 23.36
CA LEU A 303 -19.57 -11.16 21.97
C LEU A 303 -20.26 -10.15 21.07
N THR A 304 -19.62 -9.82 19.95
CA THR A 304 -20.27 -9.20 18.81
C THR A 304 -20.03 -10.09 17.60
N VAL A 305 -20.46 -9.62 16.43
CA VAL A 305 -20.25 -10.41 15.22
C VAL A 305 -18.80 -10.41 14.81
N ALA A 306 -18.03 -9.41 15.23
CA ALA A 306 -16.61 -9.36 14.89
C ALA A 306 -15.80 -10.38 15.69
N ASP A 307 -16.29 -10.77 16.86
CA ASP A 307 -15.57 -11.65 17.76
C ASP A 307 -15.70 -13.12 17.38
N LEU A 308 -16.52 -13.46 16.39
CA LEU A 308 -16.81 -14.85 16.07
C LEU A 308 -15.87 -15.44 15.03
N VAL A 309 -15.26 -14.60 14.19
CA VAL A 309 -14.75 -15.08 12.92
C VAL A 309 -13.28 -15.52 12.95
N PHE A 310 -12.50 -15.07 13.93
CA PHE A 310 -11.13 -15.57 14.04
C PHE A 310 -11.05 -16.91 14.75
N PRO A 311 -11.78 -17.14 15.85
CA PRO A 311 -11.81 -18.48 16.43
C PRO A 311 -12.32 -19.54 15.49
N TRP A 312 -13.30 -19.21 14.66
CA TRP A 312 -13.81 -20.15 13.68
C TRP A 312 -12.75 -20.51 12.66
N PHE A 313 -11.96 -19.52 12.22
CA PHE A 313 -10.87 -19.79 11.30
C PHE A 313 -9.83 -20.71 11.92
N VAL A 314 -9.51 -20.50 13.20
CA VAL A 314 -8.55 -21.38 13.88
C VAL A 314 -9.09 -22.80 13.97
N PHE A 315 -10.38 -22.94 14.28
CA PHE A 315 -11.03 -24.25 14.32
C PHE A 315 -10.89 -24.97 12.98
N ILE A 316 -11.26 -24.29 11.89
CA ILE A 316 -11.20 -24.90 10.57
C ILE A 316 -9.77 -25.21 10.19
N MET A 317 -8.82 -24.39 10.61
CA MET A 317 -7.42 -24.65 10.31
C MET A 317 -6.94 -25.92 10.98
N GLY A 318 -7.41 -26.20 12.20
CA GLY A 318 -7.09 -27.46 12.82
C GLY A 318 -7.68 -28.65 12.07
N SER A 319 -8.94 -28.53 11.64
CA SER A 319 -9.54 -29.59 10.83
C SER A 319 -8.72 -29.85 9.57
N SER A 320 -8.35 -28.78 8.86
CA SER A 320 -7.56 -28.93 7.65
C SER A 320 -6.18 -29.51 7.93
N ILE A 321 -5.59 -29.18 9.08
CA ILE A 321 -4.31 -29.76 9.45
C ILE A 321 -4.41 -31.28 9.50
N PHE A 322 -5.42 -31.80 10.19
CA PHE A 322 -5.54 -33.25 10.30
C PHE A 322 -5.86 -33.88 8.95
N LEU A 323 -6.78 -33.30 8.20
CA LEU A 323 -7.18 -33.89 6.92
C LEU A 323 -6.02 -33.94 5.94
N SER A 324 -5.32 -32.81 5.79
CA SER A 324 -4.19 -32.75 4.87
C SER A 324 -3.06 -33.68 5.32
N MET A 325 -2.75 -33.69 6.61
CA MET A 325 -1.67 -34.55 7.10
C MET A 325 -1.99 -36.02 6.86
N THR A 326 -3.23 -36.43 7.12
CA THR A 326 -3.61 -37.82 6.91
C THR A 326 -3.48 -38.22 5.44
N SER A 327 -3.95 -37.37 4.53
CA SER A 327 -3.81 -37.68 3.11
C SER A 327 -2.36 -37.77 2.70
N ILE A 328 -1.54 -36.81 3.15
CA ILE A 328 -0.13 -36.78 2.78
C ILE A 328 0.60 -38.03 3.28
N LEU A 329 0.38 -38.39 4.55
CA LEU A 329 1.05 -39.54 5.10
C LEU A 329 0.54 -40.84 4.51
N GLN A 330 -0.73 -40.88 4.11
CA GLN A 330 -1.27 -42.07 3.46
C GLN A 330 -0.63 -42.26 2.09
N ARG A 331 -0.31 -41.17 1.39
CA ARG A 331 0.39 -41.31 0.12
C ARG A 331 1.81 -41.83 0.29
N GLY A 332 2.32 -41.90 1.51
CA GLY A 332 3.62 -42.45 1.77
C GLY A 332 4.74 -41.46 2.03
N CYS A 333 4.43 -40.18 2.17
CA CYS A 333 5.46 -39.18 2.38
C CYS A 333 6.16 -39.40 3.72
N SER A 334 7.43 -39.00 3.77
CA SER A 334 8.20 -39.13 4.99
C SER A 334 7.80 -38.04 5.98
N LYS A 335 8.00 -38.33 7.27
CA LYS A 335 7.63 -37.39 8.31
C LYS A 335 8.62 -36.23 8.44
N PHE A 336 9.85 -36.39 7.92
CA PHE A 336 10.82 -35.31 8.01
C PHE A 336 10.63 -34.28 6.90
N ARG A 337 10.26 -34.73 5.70
CA ARG A 337 9.90 -33.77 4.66
C ARG A 337 8.67 -32.97 5.08
N LEU A 338 7.70 -33.64 5.70
CA LEU A 338 6.50 -32.97 6.18
C LEU A 338 6.82 -32.03 7.34
N LEU A 339 7.74 -32.44 8.23
CA LEU A 339 8.15 -31.55 9.31
C LEU A 339 8.82 -30.31 8.78
N GLY A 340 9.66 -30.44 7.75
CA GLY A 340 10.25 -29.27 7.13
C GLY A 340 9.21 -28.36 6.51
N LYS A 341 8.19 -28.96 5.88
CA LYS A 341 7.12 -28.14 5.30
C LYS A 341 6.35 -27.39 6.37
N ILE A 342 6.08 -28.04 7.50
CA ILE A 342 5.35 -27.40 8.60
C ILE A 342 6.15 -26.22 9.15
N ALA A 343 7.45 -26.42 9.37
CA ALA A 343 8.29 -25.35 9.88
C ALA A 343 8.38 -24.19 8.89
N TRP A 344 8.46 -24.50 7.60
CA TRP A 344 8.55 -23.46 6.60
C TRP A 344 7.27 -22.65 6.52
N ARG A 345 6.11 -23.31 6.58
CA ARG A 345 4.83 -22.60 6.54
C ARG A 345 4.67 -21.69 7.75
N SER A 346 5.03 -22.18 8.95
CA SER A 346 4.92 -21.37 10.15
C SER A 346 5.82 -20.14 10.08
N PHE A 347 7.07 -20.32 9.65
CA PHE A 347 7.99 -19.20 9.55
C PHE A 347 7.49 -18.16 8.54
N LEU A 348 6.95 -18.63 7.42
CA LEU A 348 6.41 -17.71 6.41
C LEU A 348 5.25 -16.90 6.96
N LEU A 349 4.32 -17.55 7.66
CA LEU A 349 3.17 -16.84 8.19
C LEU A 349 3.58 -15.77 9.20
N ILE A 350 4.50 -16.11 10.10
CA ILE A 350 4.96 -15.14 11.10
C ILE A 350 5.60 -13.94 10.41
N CYS A 351 6.50 -14.20 9.45
CA CYS A 351 7.22 -13.12 8.78
C CYS A 351 6.29 -12.25 7.97
N ILE A 352 5.34 -12.86 7.25
CA ILE A 352 4.36 -12.07 6.49
C ILE A 352 3.58 -11.16 7.42
N GLY A 353 3.13 -11.70 8.56
CA GLY A 353 2.39 -10.86 9.50
C GLY A 353 3.19 -9.66 9.96
N ILE A 354 4.40 -9.90 10.46
CA ILE A 354 5.19 -8.82 11.05
C ILE A 354 5.52 -7.76 10.00
N ILE A 355 5.96 -8.19 8.82
CA ILE A 355 6.56 -7.27 7.87
C ILE A 355 5.54 -6.65 6.92
N ILE A 356 4.41 -7.32 6.67
CA ILE A 356 3.44 -6.87 5.70
C ILE A 356 2.13 -6.44 6.37
N VAL A 357 1.60 -7.24 7.29
CA VAL A 357 0.22 -7.06 7.72
C VAL A 357 0.12 -6.06 8.87
N ASN A 358 0.99 -6.13 9.88
CA ASN A 358 0.88 -5.21 11.00
C ASN A 358 1.11 -3.76 10.62
N PRO A 359 2.25 -3.37 10.03
CA PRO A 359 2.62 -1.95 10.02
C PRO A 359 1.70 -1.10 9.16
N ASN A 360 1.53 0.14 9.59
CA ASN A 360 0.84 1.17 8.82
C ASN A 360 1.93 1.97 8.11
N TYR A 361 2.19 1.63 6.87
CA TYR A 361 3.28 2.24 6.10
C TYR A 361 2.88 3.59 5.53
N CYS A 362 1.63 4.01 5.72
CA CYS A 362 1.24 5.37 5.38
C CYS A 362 1.86 6.38 6.35
N LEU A 363 2.13 5.95 7.58
CA LEU A 363 2.73 6.84 8.57
C LEU A 363 4.20 7.13 8.26
N GLY A 364 4.96 6.09 7.92
CA GLY A 364 6.35 6.27 7.59
C GLY A 364 7.09 4.97 7.45
N PRO A 365 8.40 5.03 7.22
CA PRO A 365 9.19 3.81 7.09
C PRO A 365 9.32 3.08 8.41
N LEU A 366 9.64 1.79 8.31
CA LEU A 366 9.67 0.93 9.49
C LEU A 366 10.91 1.21 10.33
N SER A 367 10.69 1.44 11.62
CA SER A 367 11.75 1.48 12.61
C SER A 367 11.51 0.39 13.64
N TRP A 368 12.61 -0.18 14.16
CA TRP A 368 12.48 -1.33 15.04
C TRP A 368 11.74 -0.99 16.32
N ASP A 369 11.98 0.19 16.88
CA ASP A 369 11.36 0.53 18.15
C ASP A 369 9.85 0.62 18.08
N LYS A 370 9.28 0.78 16.88
CA LYS A 370 7.83 0.86 16.72
C LYS A 370 7.23 -0.40 16.13
N VAL A 371 8.01 -1.47 15.96
CA VAL A 371 7.51 -2.69 15.33
C VAL A 371 6.65 -3.44 16.33
N ARG A 372 5.43 -3.79 15.92
CA ARG A 372 4.55 -4.62 16.72
C ARG A 372 4.78 -6.09 16.36
N ILE A 373 5.19 -6.88 17.33
CA ILE A 373 5.56 -8.27 17.11
C ILE A 373 4.32 -9.19 17.06
N PRO A 374 3.38 -9.12 17.99
CA PRO A 374 2.22 -10.00 17.92
C PRO A 374 1.26 -9.60 16.82
N GLY A 375 0.38 -10.53 16.46
CA GLY A 375 -0.56 -10.28 15.39
C GLY A 375 -1.38 -11.51 15.06
N VAL A 376 -2.20 -11.37 14.02
CA VAL A 376 -3.11 -12.43 13.61
C VAL A 376 -2.36 -13.56 12.91
N LEU A 377 -1.53 -13.20 11.93
CA LEU A 377 -0.79 -14.21 11.18
C LEU A 377 0.35 -14.80 11.99
N GLN A 378 0.94 -14.02 12.90
CA GLN A 378 1.94 -14.57 13.80
C GLN A 378 1.35 -15.65 14.68
N ARG A 379 0.12 -15.42 15.16
CA ARG A 379 -0.53 -16.42 16.02
C ARG A 379 -1.07 -17.59 15.24
N LEU A 380 -1.52 -17.39 13.99
CA LEU A 380 -1.79 -18.52 13.11
C LEU A 380 -0.53 -19.36 12.89
N GLY A 381 0.61 -18.71 12.71
CA GLY A 381 1.84 -19.44 12.51
C GLY A 381 2.27 -20.25 13.71
N VAL A 382 2.20 -19.66 14.91
CA VAL A 382 2.59 -20.39 16.11
C VAL A 382 1.62 -21.53 16.37
N THR A 383 0.31 -21.28 16.23
CA THR A 383 -0.69 -22.33 16.42
C THR A 383 -0.51 -23.44 15.41
N TYR A 384 -0.28 -23.09 14.14
CA TYR A 384 -0.08 -24.09 13.10
C TYR A 384 1.13 -24.96 13.41
N PHE A 385 2.25 -24.34 13.80
CA PHE A 385 3.43 -25.13 14.11
C PHE A 385 3.14 -26.10 15.25
N VAL A 386 2.60 -25.61 16.36
CA VAL A 386 2.45 -26.46 17.54
C VAL A 386 1.47 -27.61 17.27
N VAL A 387 0.31 -27.28 16.66
CA VAL A 387 -0.71 -28.30 16.44
C VAL A 387 -0.27 -29.30 15.37
N ALA A 388 0.30 -28.80 14.27
CA ALA A 388 0.73 -29.70 13.20
C ALA A 388 1.86 -30.61 13.66
N VAL A 389 2.81 -30.08 14.42
CA VAL A 389 3.91 -30.91 14.91
C VAL A 389 3.41 -31.93 15.92
N LEU A 390 2.44 -31.55 16.75
CA LEU A 390 1.87 -32.49 17.71
C LEU A 390 1.18 -33.65 16.99
N GLU A 391 0.33 -33.34 16.01
CA GLU A 391 -0.36 -34.39 15.26
C GLU A 391 0.63 -35.26 14.49
N LEU A 392 1.62 -34.63 13.84
CA LEU A 392 2.61 -35.37 13.08
C LEU A 392 3.41 -36.30 13.97
N LEU A 393 3.80 -35.82 15.15
CA LEU A 393 4.59 -36.63 16.07
C LEU A 393 3.80 -37.85 16.53
N PHE A 394 2.52 -37.66 16.85
CA PHE A 394 1.68 -38.76 17.34
C PHE A 394 0.73 -39.29 16.27
N ALA A 395 1.14 -39.25 15.01
CA ALA A 395 0.27 -39.67 13.92
C ALA A 395 0.05 -41.18 13.96
N LYS A 396 -1.14 -41.59 13.58
CA LYS A 396 -1.58 -42.97 13.50
C LYS A 396 -2.37 -43.17 12.22
N PRO A 397 -2.40 -44.38 11.67
CA PRO A 397 -3.26 -44.62 10.50
C PRO A 397 -4.71 -44.80 10.92
N VAL A 398 -5.61 -44.39 10.02
CA VAL A 398 -7.03 -44.37 10.32
C VAL A 398 -7.60 -45.78 10.24
N PRO A 399 -8.13 -46.32 11.33
CA PRO A 399 -8.76 -47.64 11.26
C PRO A 399 -10.11 -47.56 10.56
N GLU A 400 -10.52 -48.69 10.00
CA GLU A 400 -11.81 -48.78 9.32
C GLU A 400 -12.79 -49.65 10.09
N CYS A 408 -22.87 -47.73 15.94
CA CYS A 408 -21.44 -47.90 16.14
C CYS A 408 -20.94 -47.02 17.29
N LEU A 409 -21.24 -47.44 18.51
CA LEU A 409 -20.84 -46.70 19.71
C LEU A 409 -19.39 -47.01 20.01
N SER A 410 -18.51 -46.02 19.82
CA SER A 410 -17.10 -46.19 20.11
C SER A 410 -16.48 -44.83 20.37
N LEU A 411 -15.33 -44.84 21.03
CA LEU A 411 -14.55 -43.65 21.31
C LEU A 411 -13.18 -43.76 20.67
N ARG A 412 -13.12 -44.33 19.47
CA ARG A 412 -11.84 -44.69 18.86
C ARG A 412 -10.99 -43.46 18.59
N ASP A 413 -11.60 -42.39 18.07
CA ASP A 413 -10.83 -41.19 17.76
C ASP A 413 -10.42 -40.43 19.01
N ILE A 414 -11.12 -40.65 20.13
CA ILE A 414 -10.77 -39.96 21.37
C ILE A 414 -9.68 -40.71 22.11
N THR A 415 -9.67 -42.04 22.02
CA THR A 415 -8.68 -42.82 22.77
C THR A 415 -7.42 -43.08 21.97
N SER A 416 -7.50 -43.10 20.65
CA SER A 416 -6.29 -43.31 19.86
C SER A 416 -5.37 -42.10 19.89
N SER A 417 -5.81 -40.98 20.43
CA SER A 417 -5.00 -39.77 20.55
C SER A 417 -5.05 -39.24 21.97
N TRP A 418 -4.83 -40.12 22.94
CA TRP A 418 -4.78 -39.71 24.33
C TRP A 418 -3.52 -38.89 24.68
N PRO A 419 -2.36 -39.11 24.05
CA PRO A 419 -1.23 -38.23 24.35
C PRO A 419 -1.49 -36.77 24.02
N GLN A 420 -2.14 -36.50 22.88
CA GLN A 420 -2.45 -35.13 22.51
C GLN A 420 -3.39 -34.49 23.52
N TRP A 421 -4.41 -35.22 23.97
CA TRP A 421 -5.33 -34.70 24.97
C TRP A 421 -4.62 -34.43 26.27
N LEU A 422 -3.69 -35.31 26.67
CA LEU A 422 -2.95 -35.10 27.90
C LEU A 422 -2.14 -33.81 27.84
N LEU A 423 -1.43 -33.58 26.72
CA LEU A 423 -0.66 -32.35 26.60
C LEU A 423 -1.56 -31.12 26.51
N ILE A 424 -2.72 -31.25 25.86
CA ILE A 424 -3.63 -30.11 25.74
C ILE A 424 -4.20 -29.72 27.11
N LEU A 425 -4.60 -30.70 27.91
CA LEU A 425 -5.11 -30.39 29.24
C LEU A 425 -4.01 -29.84 30.14
N VAL A 426 -2.77 -30.30 30.00
CA VAL A 426 -1.67 -29.74 30.78
C VAL A 426 -1.43 -28.28 30.37
N LEU A 427 -1.46 -28.00 29.06
CA LEU A 427 -1.27 -26.63 28.58
C LEU A 427 -2.40 -25.72 29.05
N GLU A 428 -3.63 -26.23 29.06
CA GLU A 428 -4.76 -25.44 29.55
C GLU A 428 -4.64 -25.17 31.04
N GLY A 429 -4.18 -26.15 31.81
CA GLY A 429 -3.92 -25.90 33.21
C GLY A 429 -2.84 -24.85 33.42
N LEU A 430 -1.86 -24.80 32.51
CA LEU A 430 -0.86 -23.74 32.58
C LEU A 430 -1.50 -22.37 32.36
N TRP A 431 -2.39 -22.25 31.38
CA TRP A 431 -3.06 -20.97 31.14
C TRP A 431 -3.87 -20.54 32.36
N LEU A 432 -4.63 -21.47 32.94
CA LEU A 432 -5.46 -21.15 34.10
C LEU A 432 -4.59 -20.74 35.29
N GLY A 433 -3.49 -21.45 35.53
CA GLY A 433 -2.62 -21.11 36.64
C GLY A 433 -1.93 -19.77 36.47
N LEU A 434 -1.40 -19.50 35.28
CA LEU A 434 -0.74 -18.23 35.04
C LEU A 434 -1.73 -17.06 35.05
N THR A 435 -3.00 -17.34 34.78
CA THR A 435 -3.99 -16.27 34.74
C THR A 435 -4.53 -15.94 36.12
N PHE A 436 -4.84 -16.96 36.92
CA PHE A 436 -5.50 -16.73 38.19
C PHE A 436 -4.54 -16.73 39.39
N LEU A 437 -3.27 -17.10 39.20
CA LEU A 437 -2.37 -17.24 40.32
C LEU A 437 -1.03 -16.54 40.15
N LEU A 438 -0.69 -16.03 38.98
CA LEU A 438 0.57 -15.32 38.82
C LEU A 438 0.47 -13.97 39.50
N PRO A 439 1.39 -13.65 40.43
CA PRO A 439 1.38 -12.31 41.05
C PRO A 439 1.94 -11.26 40.10
N VAL A 440 1.10 -10.28 39.76
CA VAL A 440 1.48 -9.17 38.90
C VAL A 440 1.77 -7.97 39.79
N PRO A 441 2.95 -7.36 39.70
CA PRO A 441 3.28 -6.25 40.60
C PRO A 441 2.37 -5.06 40.41
N GLY A 442 1.99 -4.44 41.53
CA GLY A 442 1.09 -3.30 41.49
C GLY A 442 -0.25 -3.60 40.86
N CYS A 443 -0.80 -4.76 41.13
CA CYS A 443 -2.02 -5.22 40.47
C CYS A 443 -2.59 -6.39 41.24
N PRO A 444 -3.92 -6.56 41.29
CA PRO A 444 -4.49 -7.73 41.95
C PRO A 444 -4.15 -9.01 41.22
N THR A 445 -4.15 -10.11 41.97
CA THR A 445 -3.88 -11.42 41.40
C THR A 445 -5.15 -12.01 40.82
N GLY A 446 -5.04 -12.55 39.61
CA GLY A 446 -6.21 -13.08 38.93
C GLY A 446 -7.18 -12.03 38.49
N TYR A 447 -6.68 -10.91 37.99
CA TYR A 447 -7.51 -9.80 37.54
C TYR A 447 -7.82 -9.95 36.07
N LEU A 448 -9.11 -9.94 35.73
CA LEU A 448 -9.57 -10.15 34.36
C LEU A 448 -10.27 -8.93 33.79
N GLY A 449 -10.11 -7.77 34.42
CA GLY A 449 -10.83 -6.58 34.03
C GLY A 449 -10.06 -5.74 33.03
N PRO A 450 -10.66 -4.61 32.62
CA PRO A 450 -10.04 -3.76 31.60
C PRO A 450 -9.19 -2.62 32.11
N GLY A 451 -9.19 -2.32 33.41
CA GLY A 451 -8.51 -1.14 33.86
C GLY A 451 -9.22 0.11 33.40
N GLY A 452 -8.45 1.15 33.14
CA GLY A 452 -9.05 2.43 32.74
C GLY A 452 -9.97 2.95 33.83
N ILE A 453 -11.18 3.34 33.43
CA ILE A 453 -12.20 3.70 34.40
C ILE A 453 -13.03 2.51 34.84
N GLY A 454 -12.76 1.33 34.29
CA GLY A 454 -13.49 0.14 34.69
C GLY A 454 -13.14 -0.29 36.11
N ASP A 455 -14.05 -1.04 36.70
CA ASP A 455 -13.94 -1.47 38.09
C ASP A 455 -13.76 -0.28 39.03
N PHE A 456 -14.52 0.79 38.75
CA PHE A 456 -14.55 2.00 39.57
C PHE A 456 -13.21 2.71 39.61
N GLY A 457 -12.41 2.57 38.56
CA GLY A 457 -11.19 3.33 38.44
C GLY A 457 -10.11 3.01 39.44
N LYS A 458 -10.17 1.83 40.07
CA LYS A 458 -9.16 1.48 41.07
C LYS A 458 -7.86 1.04 40.41
N TYR A 459 -7.94 0.47 39.21
CA TYR A 459 -6.86 -0.33 38.63
C TYR A 459 -6.49 0.21 37.25
N PRO A 460 -6.16 1.51 37.15
CA PRO A 460 -6.13 2.15 35.82
C PRO A 460 -5.14 1.55 34.84
N ASN A 461 -4.00 1.05 35.31
CA ASN A 461 -2.95 0.56 34.43
C ASN A 461 -2.86 -0.96 34.41
N CYS A 462 -3.95 -1.64 34.77
CA CYS A 462 -3.97 -3.10 34.89
C CYS A 462 -4.76 -3.76 33.77
N THR A 463 -4.75 -3.18 32.58
CA THR A 463 -5.48 -3.75 31.46
C THR A 463 -4.89 -5.09 31.06
N GLY A 464 -5.65 -6.17 31.25
CA GLY A 464 -5.24 -7.49 30.87
C GLY A 464 -4.91 -8.40 32.05
N GLY A 465 -4.26 -7.87 33.07
CA GLY A 465 -3.87 -8.71 34.19
C GLY A 465 -2.55 -9.38 33.89
N ALA A 466 -2.49 -10.69 34.13
CA ALA A 466 -1.25 -11.44 33.89
C ALA A 466 -0.93 -11.54 32.40
N ALA A 467 -1.95 -11.56 31.54
CA ALA A 467 -1.70 -11.62 30.10
C ALA A 467 -0.93 -10.39 29.64
N GLY A 468 -1.44 -9.21 29.98
CA GLY A 468 -0.77 -7.98 29.62
C GLY A 468 0.56 -7.81 30.32
N TYR A 469 0.67 -8.27 31.57
CA TYR A 469 1.94 -8.18 32.28
C TYR A 469 3.01 -9.02 31.63
N ILE A 470 2.67 -10.24 31.21
CA ILE A 470 3.62 -11.09 30.51
C ILE A 470 4.02 -10.48 29.18
N ASP A 471 3.04 -9.93 28.44
CA ASP A 471 3.34 -9.26 27.19
C ASP A 471 4.31 -8.09 27.40
N ARG A 472 4.04 -7.26 28.39
CA ARG A 472 4.88 -6.09 28.65
C ARG A 472 6.27 -6.51 29.13
N LEU A 473 6.35 -7.57 29.92
CA LEU A 473 7.63 -8.03 30.44
C LEU A 473 8.50 -8.63 29.35
N LEU A 474 7.91 -9.37 28.42
CA LEU A 474 8.69 -10.08 27.41
C LEU A 474 8.88 -9.30 26.12
N LEU A 475 8.02 -8.33 25.83
CA LEU A 475 8.06 -7.60 24.58
C LEU A 475 8.15 -6.09 24.73
N GLY A 476 7.71 -5.53 25.86
CA GLY A 476 7.77 -4.09 26.04
C GLY A 476 6.60 -3.38 25.40
N ASP A 477 6.14 -2.29 26.02
CA ASP A 477 4.91 -1.65 25.59
C ASP A 477 4.97 -1.12 24.17
N ASP A 478 6.16 -0.88 23.63
CA ASP A 478 6.25 -0.33 22.28
C ASP A 478 6.17 -1.39 21.19
N HIS A 479 6.27 -2.67 21.54
CA HIS A 479 6.08 -3.76 20.59
C HIS A 479 4.72 -4.43 20.75
N LEU A 480 3.78 -3.78 21.40
CA LEU A 480 2.42 -4.26 21.60
C LEU A 480 1.47 -3.40 20.79
N TYR A 481 0.18 -3.69 20.96
CA TYR A 481 -0.87 -2.99 20.24
C TYR A 481 -1.24 -1.72 20.99
N GLN A 482 -1.08 -0.58 20.34
CA GLN A 482 -1.23 0.68 21.04
C GLN A 482 -2.68 1.14 21.14
N HIS A 483 -3.61 0.49 20.44
CA HIS A 483 -5.00 0.88 20.41
C HIS A 483 -5.88 -0.32 20.73
N PRO A 484 -5.91 -0.76 21.99
CA PRO A 484 -6.82 -1.84 22.37
C PRO A 484 -8.27 -1.38 22.28
N SER A 485 -9.16 -2.36 22.13
CA SER A 485 -10.58 -2.05 21.98
C SER A 485 -11.18 -1.49 23.27
N SER A 486 -10.55 -1.70 24.41
CA SER A 486 -11.07 -1.15 25.65
C SER A 486 -10.86 0.35 25.77
N ALA A 487 -10.09 0.95 24.87
CA ALA A 487 -9.77 2.36 24.99
C ALA A 487 -11.01 3.24 24.84
N VAL A 488 -11.94 2.84 23.98
CA VAL A 488 -13.09 3.69 23.67
C VAL A 488 -14.05 3.77 24.84
N LEU A 489 -14.31 2.64 25.51
CA LEU A 489 -15.35 2.59 26.52
C LEU A 489 -14.82 2.66 27.95
N TYR A 490 -13.57 2.26 28.20
CA TYR A 490 -13.01 2.30 29.53
C TYR A 490 -11.86 3.28 29.65
N HIS A 491 -11.44 3.89 28.55
CA HIS A 491 -10.43 4.94 28.55
C HIS A 491 -9.12 4.44 29.17
N THR A 492 -8.60 3.36 28.62
CA THR A 492 -7.34 2.78 29.08
C THR A 492 -6.18 3.45 28.36
N GLU A 493 -5.09 3.66 29.09
CA GLU A 493 -3.92 4.31 28.54
C GLU A 493 -2.81 3.35 28.14
N VAL A 494 -2.77 2.17 28.74
CA VAL A 494 -1.68 1.22 28.48
C VAL A 494 -1.96 0.45 27.20
N ALA A 495 -0.88 0.08 26.52
CA ALA A 495 -0.96 -0.75 25.33
C ALA A 495 -1.22 -2.19 25.70
N TYR A 496 -2.16 -2.82 25.02
CA TYR A 496 -2.49 -4.21 25.23
C TYR A 496 -2.67 -4.87 23.87
N ASP A 497 -2.12 -6.08 23.73
CA ASP A 497 -2.20 -6.79 22.46
C ASP A 497 -3.19 -7.95 22.56
N PRO A 498 -4.30 -7.92 21.82
CA PRO A 498 -5.23 -9.07 21.88
C PRO A 498 -4.61 -10.38 21.48
N GLU A 499 -3.67 -10.37 20.54
CA GLU A 499 -2.94 -11.56 20.10
C GLU A 499 -1.60 -11.69 20.80
N GLY A 500 -1.60 -11.66 22.13
CA GLY A 500 -0.37 -11.72 22.89
C GLY A 500 0.11 -13.12 23.14
N ILE A 501 1.07 -13.22 24.06
CA ILE A 501 1.75 -14.50 24.31
C ILE A 501 0.84 -15.47 25.03
N LEU A 502 0.11 -15.02 26.05
CA LEU A 502 -0.56 -15.96 26.95
C LEU A 502 -1.77 -16.61 26.31
N GLY A 503 -2.47 -15.91 25.42
CA GLY A 503 -3.65 -16.46 24.81
C GLY A 503 -3.39 -17.43 23.69
N THR A 504 -2.13 -17.61 23.29
CA THR A 504 -1.80 -18.60 22.27
C THR A 504 -2.08 -20.01 22.78
N ILE A 505 -2.07 -20.21 24.09
CA ILE A 505 -2.44 -21.52 24.65
C ILE A 505 -3.89 -21.86 24.27
N ASN A 506 -4.78 -20.89 24.38
CA ASN A 506 -6.18 -21.12 24.03
C ASN A 506 -6.40 -21.11 22.52
N SER A 507 -5.56 -20.39 21.77
CA SER A 507 -5.58 -20.52 20.32
C SER A 507 -5.24 -21.94 19.89
N ILE A 508 -4.27 -22.55 20.57
CA ILE A 508 -3.89 -23.93 20.30
C ILE A 508 -4.98 -24.89 20.70
N VAL A 509 -5.65 -24.63 21.82
CA VAL A 509 -6.75 -25.49 22.26
C VAL A 509 -7.90 -25.43 21.26
N MET A 510 -8.20 -24.25 20.73
CA MET A 510 -9.24 -24.11 19.71
C MET A 510 -8.90 -24.90 18.45
N ALA A 511 -7.65 -24.79 17.98
CA ALA A 511 -7.26 -25.54 16.80
C ALA A 511 -7.25 -27.04 17.05
N PHE A 512 -6.96 -27.48 18.27
CA PHE A 512 -6.99 -28.91 18.56
C PHE A 512 -8.42 -29.44 18.62
N LEU A 513 -9.38 -28.63 19.06
CA LEU A 513 -10.78 -29.01 18.93
C LEU A 513 -11.17 -29.13 17.46
N GLY A 514 -10.66 -28.25 16.61
CA GLY A 514 -10.87 -28.41 15.18
C GLY A 514 -10.30 -29.70 14.65
N VAL A 515 -9.15 -30.10 15.17
CA VAL A 515 -8.55 -31.38 14.81
C VAL A 515 -9.48 -32.53 15.17
N GLN A 516 -10.12 -32.44 16.34
CA GLN A 516 -11.08 -33.46 16.73
C GLN A 516 -12.24 -33.55 15.75
N ALA A 517 -12.69 -32.41 15.23
CA ALA A 517 -13.73 -32.45 14.20
C ALA A 517 -13.26 -33.17 12.95
N GLY A 518 -12.02 -32.92 12.52
CA GLY A 518 -11.48 -33.64 11.37
C GLY A 518 -11.36 -35.13 11.62
N LYS A 519 -11.00 -35.52 12.84
CA LYS A 519 -10.94 -36.94 13.19
C LYS A 519 -12.31 -37.58 13.12
N ILE A 520 -13.35 -36.87 13.57
CA ILE A 520 -14.71 -37.40 13.45
C ILE A 520 -15.07 -37.61 12.00
N LEU A 521 -14.67 -36.67 11.13
CA LEU A 521 -15.05 -36.78 9.72
C LEU A 521 -14.34 -37.94 9.03
N LEU A 522 -13.10 -38.26 9.43
CA LEU A 522 -12.37 -39.31 8.74
C LEU A 522 -12.61 -40.69 9.35
N TYR A 523 -12.63 -40.80 10.68
CA TYR A 523 -12.81 -42.10 11.31
C TYR A 523 -14.17 -42.71 10.97
N TYR A 524 -15.16 -41.88 10.68
CA TYR A 524 -16.53 -42.31 10.43
C TYR A 524 -17.06 -41.76 9.12
N LYS A 525 -16.24 -41.79 8.07
CA LYS A 525 -16.66 -41.20 6.80
C LYS A 525 -17.76 -42.01 6.14
N ALA A 526 -17.80 -43.32 6.36
CA ALA A 526 -18.82 -44.14 5.73
C ALA A 526 -20.22 -43.79 6.24
N ARG A 527 -20.35 -43.55 7.54
CA ARG A 527 -21.65 -43.42 8.19
C ARG A 527 -21.93 -41.95 8.48
N THR A 528 -23.05 -41.43 7.96
CA THR A 528 -23.46 -40.07 8.24
C THR A 528 -24.07 -39.94 9.63
N LYS A 529 -24.80 -40.96 10.08
CA LYS A 529 -25.41 -40.88 11.40
C LYS A 529 -24.35 -40.78 12.50
N ASP A 530 -23.24 -41.50 12.34
CA ASP A 530 -22.17 -41.42 13.33
C ASP A 530 -21.55 -40.04 13.36
N ILE A 531 -21.29 -39.44 12.19
CA ILE A 531 -20.71 -38.11 12.14
C ILE A 531 -21.64 -37.10 12.81
N LEU A 532 -22.94 -37.16 12.49
CA LEU A 532 -23.88 -36.20 13.04
C LEU A 532 -24.04 -36.39 14.55
N ILE A 533 -24.07 -37.63 15.01
CA ILE A 533 -24.16 -37.87 16.45
C ILE A 533 -22.97 -37.27 17.17
N ARG A 534 -21.78 -37.44 16.62
CA ARG A 534 -20.58 -36.94 17.30
C ARG A 534 -20.51 -35.42 17.27
N PHE A 535 -20.89 -34.80 16.16
CA PHE A 535 -20.94 -33.33 16.13
C PHE A 535 -21.92 -32.79 17.16
N THR A 536 -23.10 -33.41 17.26
CA THR A 536 -24.09 -32.96 18.23
C THR A 536 -23.61 -33.15 19.67
N ALA A 537 -22.99 -34.30 19.97
CA ALA A 537 -22.52 -34.54 21.33
C ALA A 537 -21.42 -33.57 21.72
N TRP A 538 -20.49 -33.28 20.80
CA TRP A 538 -19.43 -32.33 21.10
C TRP A 538 -19.98 -30.93 21.28
N CYS A 539 -20.95 -30.53 20.46
CA CYS A 539 -21.58 -29.23 20.63
C CYS A 539 -22.24 -29.11 22.00
N CYS A 540 -22.97 -30.14 22.42
CA CYS A 540 -23.65 -30.08 23.71
C CYS A 540 -22.66 -30.04 24.87
N ILE A 541 -21.59 -30.84 24.81
CA ILE A 541 -20.62 -30.86 25.90
C ILE A 541 -19.93 -29.50 26.03
N LEU A 542 -19.48 -28.94 24.89
CA LEU A 542 -18.79 -27.67 24.94
C LEU A 542 -19.73 -26.54 25.35
N GLY A 543 -20.99 -26.60 24.91
CA GLY A 543 -21.95 -25.60 25.33
C GLY A 543 -22.27 -25.65 26.81
N LEU A 544 -22.33 -26.86 27.37
CA LEU A 544 -22.55 -26.98 28.81
C LEU A 544 -21.37 -26.41 29.60
N ILE A 545 -20.14 -26.68 29.15
CA ILE A 545 -18.97 -26.11 29.81
C ILE A 545 -19.01 -24.59 29.74
N SER A 546 -19.35 -24.04 28.58
CA SER A 546 -19.40 -22.59 28.40
C SER A 546 -20.48 -21.96 29.27
N VAL A 547 -21.64 -22.60 29.38
CA VAL A 547 -22.71 -22.10 30.24
C VAL A 547 -22.26 -22.13 31.70
N ALA A 548 -21.53 -23.16 32.10
CA ALA A 548 -21.05 -23.23 33.48
C ALA A 548 -20.05 -22.11 33.76
N LEU A 549 -19.12 -21.85 32.85
CA LEU A 549 -18.10 -20.83 33.10
C LEU A 549 -18.69 -19.43 33.08
N THR A 550 -19.47 -19.10 32.05
CA THR A 550 -19.96 -17.74 31.88
C THR A 550 -21.14 -17.39 32.78
N LYS A 551 -21.85 -18.40 33.29
CA LYS A 551 -23.09 -18.19 34.05
C LYS A 551 -24.08 -17.36 33.23
N VAL A 552 -24.14 -17.65 31.94
CA VAL A 552 -24.95 -16.95 30.92
C VAL A 552 -25.03 -15.46 31.19
N SER A 553 -23.92 -14.86 31.61
CA SER A 553 -23.86 -13.44 31.90
C SER A 553 -22.62 -12.85 31.24
N GLU A 554 -22.71 -11.57 30.87
CA GLU A 554 -21.62 -10.97 30.12
C GLU A 554 -20.41 -10.69 31.00
N ASN A 555 -20.61 -10.20 32.22
CA ASN A 555 -19.51 -9.79 33.08
C ASN A 555 -19.45 -10.52 34.42
N GLU A 556 -20.42 -11.37 34.73
CA GLU A 556 -20.52 -11.96 36.07
C GLU A 556 -20.10 -13.42 36.14
N GLY A 557 -19.54 -13.99 35.08
CA GLY A 557 -19.13 -15.38 35.13
C GLY A 557 -17.85 -15.57 35.90
N PHE A 558 -17.44 -16.84 36.02
CA PHE A 558 -16.14 -17.15 36.59
C PHE A 558 -15.02 -16.85 35.60
N ILE A 559 -15.23 -17.19 34.33
CA ILE A 559 -14.36 -16.78 33.23
C ILE A 559 -15.26 -16.22 32.14
N PRO A 560 -15.50 -14.91 32.10
CA PRO A 560 -16.40 -14.36 31.07
C PRO A 560 -15.81 -14.48 29.68
N VAL A 561 -16.69 -14.39 28.68
CA VAL A 561 -16.25 -14.41 27.29
C VAL A 561 -15.47 -13.13 27.02
N ASN A 562 -14.28 -13.28 26.44
CA ASN A 562 -13.38 -12.14 26.25
C ASN A 562 -12.42 -12.48 25.14
N LYS A 563 -12.53 -11.76 24.02
CA LYS A 563 -11.61 -11.98 22.91
C LYS A 563 -10.19 -11.54 23.26
N ASN A 564 -10.06 -10.44 23.99
CA ASN A 564 -8.73 -9.90 24.28
C ASN A 564 -7.90 -10.85 25.14
N LEU A 565 -8.53 -11.50 26.10
CA LEU A 565 -7.83 -12.51 26.88
C LEU A 565 -7.81 -13.88 26.22
N TRP A 566 -8.59 -14.08 25.15
CA TRP A 566 -8.82 -15.39 24.53
C TRP A 566 -9.18 -16.41 25.59
N SER A 567 -10.24 -16.10 26.34
CA SER A 567 -10.62 -16.85 27.52
C SER A 567 -10.88 -18.31 27.19
N LEU A 568 -10.99 -19.12 28.24
CA LEU A 568 -11.42 -20.50 28.06
C LEU A 568 -12.88 -20.56 27.60
N SER A 569 -13.74 -19.72 28.18
CA SER A 569 -15.15 -19.74 27.81
C SER A 569 -15.38 -19.16 26.42
N TYR A 570 -14.51 -18.26 25.97
CA TYR A 570 -14.54 -17.82 24.59
C TYR A 570 -14.28 -18.98 23.65
N VAL A 571 -13.31 -19.83 23.99
CA VAL A 571 -12.96 -20.97 23.15
C VAL A 571 -14.09 -21.99 23.13
N THR A 572 -14.63 -22.33 24.30
CA THR A 572 -15.69 -23.32 24.36
C THR A 572 -16.98 -22.83 23.69
N THR A 573 -17.32 -21.55 23.86
CA THR A 573 -18.49 -20.99 23.20
C THR A 573 -18.34 -21.03 21.68
N LEU A 574 -17.23 -20.53 21.16
CA LEU A 574 -17.04 -20.48 19.72
C LEU A 574 -16.84 -21.88 19.12
N SER A 575 -16.37 -22.84 19.92
CA SER A 575 -16.23 -24.21 19.45
C SER A 575 -17.58 -24.90 19.35
N SER A 576 -18.46 -24.69 20.32
CA SER A 576 -19.81 -25.23 20.20
C SER A 576 -20.54 -24.62 19.01
N PHE A 577 -20.33 -23.32 18.76
CA PHE A 577 -20.90 -22.70 17.57
C PHE A 577 -20.37 -23.36 16.30
N ALA A 578 -19.07 -23.65 16.24
CA ALA A 578 -18.50 -24.23 15.03
C ALA A 578 -18.94 -25.68 14.83
N PHE A 579 -19.11 -26.42 15.92
CA PHE A 579 -19.65 -27.78 15.80
C PHE A 579 -21.09 -27.77 15.31
N PHE A 580 -21.89 -26.81 15.75
CA PHE A 580 -23.25 -26.69 15.25
C PHE A 580 -23.27 -26.31 13.78
N ILE A 581 -22.40 -25.39 13.36
CA ILE A 581 -22.35 -25.01 11.95
C ILE A 581 -21.96 -26.20 11.10
N LEU A 582 -20.99 -26.99 11.54
CA LEU A 582 -20.63 -28.21 10.81
C LEU A 582 -21.79 -29.19 10.78
N LEU A 583 -22.51 -29.33 11.87
CA LEU A 583 -23.66 -30.22 11.91
C LEU A 583 -24.70 -29.84 10.87
N VAL A 584 -24.84 -28.55 10.59
CA VAL A 584 -25.81 -28.11 9.58
C VAL A 584 -25.23 -28.16 8.17
N LEU A 585 -23.96 -27.78 7.99
CA LEU A 585 -23.37 -27.72 6.66
C LEU A 585 -23.01 -29.08 6.10
N TYR A 586 -22.69 -30.05 6.93
CA TYR A 586 -22.24 -31.34 6.39
C TYR A 586 -23.32 -32.05 5.58
N PRO A 587 -24.54 -32.29 6.09
CA PRO A 587 -25.54 -32.90 5.22
C PRO A 587 -25.87 -32.04 4.01
N VAL A 588 -26.15 -30.75 4.22
CA VAL A 588 -26.65 -29.88 3.15
C VAL A 588 -25.65 -29.80 2.01
N VAL A 589 -24.37 -29.57 2.31
CA VAL A 589 -23.40 -29.33 1.26
C VAL A 589 -22.73 -30.62 0.80
N ASP A 590 -22.60 -31.62 1.67
CA ASP A 590 -21.79 -32.80 1.39
C ASP A 590 -22.60 -34.07 1.22
N VAL A 591 -23.57 -34.33 2.09
CA VAL A 591 -24.30 -35.59 2.02
C VAL A 591 -25.42 -35.49 0.99
N LYS A 592 -26.36 -34.57 1.19
CA LYS A 592 -27.46 -34.43 0.25
C LYS A 592 -27.06 -33.69 -1.02
N GLY A 593 -26.14 -32.75 -0.92
CA GLY A 593 -25.78 -31.96 -2.08
C GLY A 593 -26.81 -30.93 -2.48
N LEU A 594 -27.68 -30.52 -1.55
CA LEU A 594 -28.68 -29.51 -1.86
C LEU A 594 -28.03 -28.19 -2.26
N TRP A 595 -26.98 -27.81 -1.56
CA TRP A 595 -26.26 -26.57 -1.80
C TRP A 595 -24.82 -26.91 -2.13
N THR A 596 -24.20 -26.13 -3.01
CA THR A 596 -22.85 -26.42 -3.46
C THR A 596 -21.80 -25.53 -2.80
N GLY A 597 -22.19 -24.71 -1.84
CA GLY A 597 -21.27 -23.82 -1.17
C GLY A 597 -21.11 -22.45 -1.79
N THR A 598 -21.71 -22.21 -2.97
CA THR A 598 -21.51 -20.95 -3.66
C THR A 598 -22.14 -19.80 -2.87
N PRO A 599 -21.49 -18.64 -2.83
CA PRO A 599 -20.18 -18.34 -3.38
C PRO A 599 -19.08 -18.38 -2.33
N PHE A 600 -19.22 -19.20 -1.29
CA PHE A 600 -18.37 -19.10 -0.13
C PHE A 600 -17.12 -19.97 -0.19
N PHE A 601 -17.11 -21.01 -1.01
CA PHE A 601 -15.91 -21.82 -1.06
C PHE A 601 -14.84 -21.26 -1.98
N TYR A 602 -15.18 -20.26 -2.79
CA TYR A 602 -14.16 -19.62 -3.62
C TYR A 602 -13.11 -18.89 -2.81
N PRO A 603 -13.45 -18.05 -1.81
CA PRO A 603 -12.40 -17.54 -0.91
C PRO A 603 -11.94 -18.55 0.13
N GLY A 604 -12.73 -19.58 0.42
CA GLY A 604 -12.26 -20.64 1.28
C GLY A 604 -11.15 -21.45 0.69
N MET A 605 -10.99 -21.41 -0.63
CA MET A 605 -9.89 -22.08 -1.30
C MET A 605 -8.64 -21.22 -1.43
N ASN A 606 -8.74 -19.91 -1.21
CA ASN A 606 -7.65 -18.95 -1.35
C ASN A 606 -7.63 -18.00 -0.17
N SER A 607 -7.88 -18.54 1.03
CA SER A 607 -7.98 -17.74 2.25
C SER A 607 -6.75 -16.87 2.48
N ILE A 608 -5.55 -17.43 2.35
CA ILE A 608 -4.35 -16.67 2.70
C ILE A 608 -4.12 -15.52 1.72
N LEU A 609 -4.34 -15.77 0.43
CA LEU A 609 -4.17 -14.72 -0.56
C LEU A 609 -5.22 -13.64 -0.42
N VAL A 610 -6.45 -14.02 -0.04
CA VAL A 610 -7.49 -13.01 0.17
C VAL A 610 -7.21 -12.18 1.41
N TYR A 611 -6.75 -12.81 2.49
CA TYR A 611 -6.48 -12.07 3.72
C TYR A 611 -5.33 -11.10 3.55
N VAL A 612 -4.23 -11.56 2.95
CA VAL A 612 -3.11 -10.66 2.68
C VAL A 612 -3.52 -9.60 1.67
N GLY A 613 -4.34 -9.96 0.70
CA GLY A 613 -4.74 -9.02 -0.33
C GLY A 613 -5.52 -7.84 0.21
N HIS A 614 -6.48 -8.09 1.09
CA HIS A 614 -7.31 -6.96 1.49
C HIS A 614 -6.58 -6.06 2.48
N GLU A 615 -5.53 -6.57 3.10
CA GLU A 615 -4.67 -5.74 3.94
C GLU A 615 -3.77 -4.85 3.10
N VAL A 616 -3.25 -5.39 2.01
CA VAL A 616 -2.41 -4.57 1.13
C VAL A 616 -3.25 -3.53 0.40
N PHE A 617 -4.43 -3.91 -0.07
CA PHE A 617 -5.27 -3.07 -0.92
C PHE A 617 -6.50 -2.58 -0.17
N GLU A 618 -6.34 -2.20 1.09
CA GLU A 618 -7.47 -1.72 1.86
C GLU A 618 -7.92 -0.33 1.47
N ASN A 619 -6.97 0.57 1.19
CA ASN A 619 -7.26 1.97 0.88
C ASN A 619 -7.47 2.20 -0.61
N TYR A 620 -7.35 1.16 -1.43
CA TYR A 620 -7.39 1.31 -2.87
C TYR A 620 -8.83 1.33 -3.38
N PHE A 621 -9.10 2.21 -4.32
CA PHE A 621 -10.32 2.10 -5.11
C PHE A 621 -10.23 0.81 -5.94
N PRO A 622 -11.34 0.05 -6.08
CA PRO A 622 -12.73 0.31 -5.70
C PRO A 622 -13.13 -0.14 -4.31
N PHE A 623 -12.18 -0.58 -3.48
CA PHE A 623 -12.51 -1.00 -2.14
C PHE A 623 -12.86 0.18 -1.25
N GLN A 624 -12.36 1.36 -1.58
CA GLN A 624 -12.57 2.53 -0.75
C GLN A 624 -12.49 3.78 -1.62
N TRP A 625 -13.54 4.57 -1.62
CA TRP A 625 -13.56 5.86 -2.30
C TRP A 625 -13.91 6.93 -1.29
N LYS A 626 -14.03 8.17 -1.78
CA LYS A 626 -14.33 9.29 -0.90
C LYS A 626 -15.83 9.38 -0.66
N LEU A 627 -16.22 9.51 0.60
CA LEU A 627 -17.62 9.50 0.99
C LEU A 627 -18.18 10.92 1.01
N LYS A 628 -19.38 11.06 0.47
CA LYS A 628 -20.07 12.34 0.54
C LYS A 628 -20.36 12.73 1.99
N ASP A 629 -20.77 11.76 2.81
CA ASP A 629 -21.04 11.97 4.23
C ASP A 629 -20.28 10.92 5.03
N ASN A 630 -19.29 11.36 5.80
CA ASN A 630 -18.53 10.47 6.65
C ASN A 630 -19.24 10.16 7.96
N GLN A 631 -20.36 10.81 8.25
CA GLN A 631 -21.14 10.54 9.44
C GLN A 631 -22.38 9.72 9.12
N SER A 632 -22.38 9.00 8.01
CA SER A 632 -23.52 8.23 7.56
C SER A 632 -23.21 6.75 7.70
N HIS A 633 -24.14 6.01 8.32
CA HIS A 633 -24.02 4.55 8.38
C HIS A 633 -24.33 3.93 7.03
N LYS A 634 -25.27 4.52 6.30
CA LYS A 634 -25.66 3.97 5.00
C LYS A 634 -24.51 3.98 4.01
N GLU A 635 -23.73 5.05 3.99
CA GLU A 635 -22.66 5.18 3.01
C GLU A 635 -21.48 4.29 3.36
N HIS A 636 -21.14 4.20 4.65
CA HIS A 636 -20.09 3.27 5.07
C HIS A 636 -20.50 1.83 4.84
N LEU A 637 -21.76 1.49 5.13
CA LEU A 637 -22.22 0.13 4.93
C LEU A 637 -22.18 -0.26 3.46
N THR A 638 -22.64 0.63 2.58
CA THR A 638 -22.59 0.34 1.16
C THR A 638 -21.16 0.16 0.68
N GLN A 639 -20.24 1.01 1.14
CA GLN A 639 -18.85 0.86 0.75
C GLN A 639 -18.27 -0.47 1.19
N ASN A 640 -18.55 -0.88 2.43
CA ASN A 640 -17.94 -2.11 2.97
C ASN A 640 -18.55 -3.35 2.33
N ILE A 641 -19.86 -3.33 2.06
CA ILE A 641 -20.50 -4.45 1.39
C ILE A 641 -19.97 -4.60 -0.03
N VAL A 642 -19.82 -3.48 -0.74
CA VAL A 642 -19.31 -3.54 -2.11
C VAL A 642 -17.88 -4.08 -2.12
N ALA A 643 -17.04 -3.63 -1.19
CA ALA A 643 -15.67 -4.11 -1.15
C ALA A 643 -15.58 -5.59 -0.82
N THR A 644 -16.42 -6.07 0.10
CA THR A 644 -16.43 -7.49 0.44
C THR A 644 -16.89 -8.34 -0.74
N ALA A 645 -17.94 -7.91 -1.43
CA ALA A 645 -18.39 -8.63 -2.61
C ALA A 645 -17.33 -8.63 -3.71
N LEU A 646 -16.54 -7.56 -3.79
CA LEU A 646 -15.45 -7.53 -4.76
C LEU A 646 -14.37 -8.54 -4.43
N TRP A 647 -14.10 -8.79 -3.15
CA TRP A 647 -13.11 -9.81 -2.82
C TRP A 647 -13.65 -11.21 -3.04
N VAL A 648 -14.96 -11.41 -2.89
CA VAL A 648 -15.56 -12.69 -3.28
C VAL A 648 -15.40 -12.91 -4.77
N LEU A 649 -15.64 -11.88 -5.58
CA LEU A 649 -15.48 -11.98 -7.03
C LEU A 649 -14.03 -12.23 -7.42
N ILE A 650 -13.09 -11.55 -6.76
CA ILE A 650 -11.67 -11.76 -7.05
C ILE A 650 -11.27 -13.20 -6.76
N ALA A 651 -11.74 -13.75 -5.64
CA ALA A 651 -11.42 -15.14 -5.31
C ALA A 651 -12.08 -16.12 -6.27
N TYR A 652 -13.29 -15.82 -6.75
CA TYR A 652 -13.90 -16.65 -7.77
C TYR A 652 -13.07 -16.64 -9.05
N ILE A 653 -12.55 -15.48 -9.42
CA ILE A 653 -11.72 -15.37 -10.63
C ILE A 653 -10.45 -16.17 -10.48
N LEU A 654 -9.82 -16.13 -9.30
CA LEU A 654 -8.64 -16.95 -9.05
C LEU A 654 -8.96 -18.44 -9.07
N TYR A 655 -10.17 -18.82 -8.65
CA TYR A 655 -10.57 -20.22 -8.73
C TYR A 655 -10.76 -20.67 -10.17
N ARG A 656 -11.32 -19.80 -11.01
CA ARG A 656 -11.51 -20.14 -12.42
C ARG A 656 -10.18 -20.32 -13.13
N LYS A 657 -9.16 -19.55 -12.75
CA LYS A 657 -7.83 -19.68 -13.29
C LYS A 657 -6.98 -20.73 -12.57
N LYS A 658 -7.54 -21.40 -11.56
CA LYS A 658 -6.84 -22.43 -10.79
C LYS A 658 -5.58 -21.90 -10.11
N ILE A 659 -5.57 -20.61 -9.77
CA ILE A 659 -4.42 -20.00 -9.09
C ILE A 659 -4.67 -20.14 -7.60
N PHE A 660 -4.33 -21.30 -7.06
CA PHE A 660 -4.46 -21.58 -5.63
C PHE A 660 -3.09 -21.47 -4.99
N TRP A 661 -2.95 -20.55 -4.04
CA TRP A 661 -1.70 -20.39 -3.30
C TRP A 661 -1.86 -21.06 -1.95
N LYS A 662 -0.98 -22.01 -1.66
CA LYS A 662 -0.93 -22.68 -0.37
C LYS A 662 0.39 -22.29 0.27
N ILE A 663 0.30 -21.57 1.39
CA ILE A 663 1.47 -20.98 2.05
C ILE A 663 2.53 -22.04 2.33
N ALA B 75 26.07 21.43 10.27
CA ALA B 75 25.17 22.48 10.71
C ALA B 75 23.71 22.08 10.50
N GLU B 76 22.90 23.05 10.08
CA GLU B 76 21.52 22.80 9.66
C GLU B 76 21.41 22.61 8.16
N LEU B 77 22.53 22.34 7.49
CA LEU B 77 22.53 22.17 6.05
C LEU B 77 21.80 20.89 5.67
N LYS B 78 21.02 20.97 4.60
CA LYS B 78 20.35 19.81 4.08
C LYS B 78 21.25 19.11 3.07
N MET B 79 20.73 18.09 2.40
CA MET B 79 21.49 17.39 1.39
C MET B 79 21.80 18.32 0.23
N ASP B 80 23.03 18.23 -0.27
CA ASP B 80 23.47 18.97 -1.45
C ASP B 80 23.33 20.48 -1.27
N GLN B 81 23.76 20.98 -0.11
CA GLN B 81 23.84 22.41 0.14
C GLN B 81 25.13 22.74 0.88
N ALA B 82 25.57 23.98 0.71
CA ALA B 82 26.73 24.51 1.40
C ALA B 82 26.34 25.80 2.10
N LEU B 83 27.19 26.22 3.03
CA LEU B 83 26.97 27.44 3.78
C LEU B 83 27.82 28.56 3.18
N LEU B 84 27.22 29.73 3.02
CA LEU B 84 27.93 30.89 2.48
C LEU B 84 27.73 32.05 3.45
N LEU B 85 28.79 32.43 4.15
CA LEU B 85 28.76 33.57 5.06
C LEU B 85 29.25 34.79 4.32
N ILE B 86 28.44 35.85 4.30
CA ILE B 86 28.74 37.07 3.57
C ILE B 86 29.03 38.17 4.58
N HIS B 87 30.24 38.71 4.52
CA HIS B 87 30.69 39.75 5.44
C HIS B 87 30.78 41.08 4.70
N ASN B 88 30.08 42.09 5.21
CA ASN B 88 30.05 43.41 4.59
C ASN B 88 31.03 44.32 5.31
N GLU B 89 32.11 44.69 4.63
CA GLU B 89 33.08 45.62 5.16
C GLU B 89 32.77 47.07 4.80
N LEU B 90 31.64 47.30 4.14
CA LEU B 90 31.27 48.63 3.66
C LEU B 90 30.35 49.31 4.66
N LEU B 91 30.58 50.61 4.88
CA LEU B 91 29.83 51.37 5.85
C LEU B 91 28.63 52.10 5.26
N TRP B 92 28.62 52.36 3.95
CA TRP B 92 27.64 53.25 3.38
C TRP B 92 26.58 52.56 2.53
N THR B 93 26.94 51.48 1.83
CA THR B 93 26.02 50.83 0.89
C THR B 93 25.63 49.46 1.41
N ASN B 94 24.33 49.20 1.49
CA ASN B 94 23.85 47.85 1.69
C ASN B 94 24.10 47.02 0.45
N LEU B 95 23.97 45.71 0.59
CA LEU B 95 24.10 44.79 -0.53
C LEU B 95 22.97 43.79 -0.53
N THR B 96 22.55 43.40 -1.73
CA THR B 96 21.62 42.29 -1.92
C THR B 96 22.29 41.26 -2.83
N VAL B 97 22.11 39.99 -2.49
CA VAL B 97 22.83 38.89 -3.12
C VAL B 97 21.86 38.11 -3.99
N TYR B 98 22.20 37.94 -5.26
CA TYR B 98 21.36 37.26 -6.22
C TYR B 98 22.04 35.97 -6.65
N TRP B 99 21.28 34.88 -6.69
CA TRP B 99 21.83 33.57 -7.00
C TRP B 99 21.16 33.01 -8.23
N LYS B 100 21.96 32.48 -9.15
CA LYS B 100 21.47 31.80 -10.35
C LYS B 100 22.29 30.55 -10.58
N SER B 101 21.61 29.45 -10.89
CA SER B 101 22.29 28.20 -11.19
C SER B 101 22.87 28.23 -12.59
N GLU B 102 23.95 27.46 -12.79
CA GLU B 102 24.50 27.34 -14.14
C GLU B 102 23.68 26.39 -15.00
N CYS B 103 22.96 25.45 -14.39
CA CYS B 103 22.18 24.49 -15.15
C CYS B 103 21.05 25.17 -15.92
N CYS B 104 20.46 26.22 -15.36
CA CYS B 104 19.40 26.96 -16.06
C CYS B 104 19.79 27.34 -17.47
N TYR B 105 18.77 27.48 -18.30
CA TYR B 105 18.85 28.18 -19.56
C TYR B 105 17.96 29.41 -19.42
N HIS B 106 18.59 30.55 -19.17
CA HIS B 106 17.93 31.86 -19.14
C HIS B 106 17.00 32.02 -17.94
N CYS B 107 17.31 31.42 -16.80
CA CYS B 107 16.59 31.75 -15.59
C CYS B 107 16.79 33.22 -15.21
N LEU B 108 15.99 33.68 -14.27
CA LEU B 108 16.16 34.96 -13.63
C LEU B 108 17.01 34.81 -12.37
N PHE B 109 17.71 35.87 -12.00
CA PHE B 109 18.39 35.91 -10.71
C PHE B 109 17.34 36.01 -9.61
N GLN B 110 17.49 35.18 -8.58
CA GLN B 110 16.59 35.17 -7.45
C GLN B 110 17.34 35.68 -6.21
N VAL B 111 16.60 36.36 -5.33
CA VAL B 111 17.21 36.93 -4.14
C VAL B 111 17.71 35.81 -3.25
N LEU B 112 18.95 35.93 -2.77
CA LEU B 112 19.52 34.95 -1.85
C LEU B 112 19.43 35.44 -0.39
N VAL B 113 20.03 36.59 -0.10
CA VAL B 113 19.99 37.15 1.25
C VAL B 113 20.34 38.62 1.16
N ASN B 114 19.81 39.40 2.09
CA ASN B 114 20.10 40.83 2.21
C ASN B 114 21.07 41.05 3.36
N VAL B 115 22.19 41.72 3.08
CA VAL B 115 23.21 41.98 4.07
C VAL B 115 23.25 43.48 4.34
N PRO B 116 22.97 43.92 5.56
CA PRO B 116 22.98 45.36 5.86
C PRO B 116 24.41 45.90 5.96
N GLN B 117 24.50 47.22 5.92
CA GLN B 117 25.79 47.90 5.99
C GLN B 117 26.40 47.74 7.37
N SER B 118 27.73 47.79 7.42
CA SER B 118 28.42 47.74 8.70
C SER B 118 28.18 49.03 9.47
N PRO B 119 27.71 48.97 10.70
CA PRO B 119 27.39 50.19 11.45
C PRO B 119 28.64 51.01 11.79
N LYS B 120 29.67 50.34 12.28
CA LYS B 120 30.91 50.99 12.69
C LYS B 120 32.08 50.33 11.99
N ALA B 121 33.13 51.11 11.73
CA ALA B 121 34.32 50.58 11.08
C ALA B 121 34.96 49.50 11.96
N GLY B 122 35.44 48.44 11.31
CA GLY B 122 36.02 47.32 12.02
C GLY B 122 35.04 46.31 12.55
N LYS B 123 33.74 46.50 12.32
CA LYS B 123 32.71 45.56 12.75
C LYS B 123 31.85 45.22 11.54
N PRO B 124 32.35 44.36 10.66
CA PRO B 124 31.58 44.01 9.46
C PRO B 124 30.27 43.30 9.81
N SER B 125 29.24 43.56 9.02
CA SER B 125 27.98 42.86 9.17
C SER B 125 28.07 41.46 8.56
N ALA B 126 27.27 40.54 9.09
CA ALA B 126 27.30 39.16 8.66
C ALA B 126 25.89 38.64 8.43
N ALA B 127 25.77 37.79 7.42
CA ALA B 127 24.54 37.05 7.16
C ALA B 127 24.90 35.78 6.42
N ALA B 128 24.14 34.72 6.67
CA ALA B 128 24.42 33.41 6.13
C ALA B 128 23.34 32.99 5.13
N ALA B 129 23.69 32.05 4.27
CA ALA B 129 22.77 31.52 3.28
C ALA B 129 23.17 30.11 2.93
N SER B 130 22.22 29.37 2.35
CA SER B 130 22.48 28.04 1.82
C SER B 130 22.39 28.09 0.30
N VAL B 131 23.42 27.61 -0.36
CA VAL B 131 23.49 27.61 -1.82
C VAL B 131 23.49 26.16 -2.30
N SER B 132 22.75 25.89 -3.37
CA SER B 132 22.72 24.55 -3.93
C SER B 132 24.08 24.19 -4.50
N THR B 133 24.50 22.94 -4.29
CA THR B 133 25.81 22.48 -4.70
C THR B 133 25.75 21.43 -5.79
N GLN B 134 24.56 21.18 -6.35
CA GLN B 134 24.45 20.18 -7.41
C GLN B 134 25.08 20.69 -8.69
N HIS B 135 24.83 21.95 -9.05
CA HIS B 135 25.40 22.59 -10.22
C HIS B 135 26.15 23.84 -9.79
N GLY B 136 26.91 24.41 -10.72
CA GLY B 136 27.64 25.62 -10.41
C GLY B 136 26.71 26.79 -10.16
N SER B 137 27.15 27.70 -9.30
CA SER B 137 26.35 28.84 -8.89
C SER B 137 26.91 30.12 -9.50
N ILE B 138 26.01 31.08 -9.71
CA ILE B 138 26.38 32.43 -10.13
C ILE B 138 25.81 33.39 -9.11
N LEU B 139 26.69 34.13 -8.45
CA LEU B 139 26.29 35.08 -7.42
C LEU B 139 26.46 36.50 -7.94
N GLN B 140 25.53 37.38 -7.61
CA GLN B 140 25.59 38.77 -8.00
C GLN B 140 25.38 39.64 -6.78
N LEU B 141 26.26 40.61 -6.58
CA LEU B 141 26.17 41.56 -5.48
C LEU B 141 25.69 42.89 -6.04
N ASN B 142 24.55 43.36 -5.55
CA ASN B 142 23.95 44.60 -6.03
C ASN B 142 23.68 45.52 -4.85
N ASP B 143 24.04 46.79 -4.99
CA ASP B 143 23.68 47.79 -4.00
C ASP B 143 22.17 48.01 -4.05
N THR B 144 21.52 47.94 -2.89
CA THR B 144 20.06 47.91 -2.89
C THR B 144 19.45 49.24 -3.34
N LEU B 145 20.07 50.36 -2.98
CA LEU B 145 19.54 51.66 -3.37
C LEU B 145 19.98 52.03 -4.79
N GLU B 146 21.28 51.95 -5.04
CA GLU B 146 21.81 52.35 -6.35
C GLU B 146 21.36 51.40 -7.44
N GLU B 147 21.05 50.15 -7.09
CA GLU B 147 20.72 49.11 -8.07
C GLU B 147 21.81 48.99 -9.12
N LYS B 148 23.05 48.95 -8.66
CA LYS B 148 24.23 48.87 -9.52
C LYS B 148 25.07 47.69 -9.07
N GLU B 149 25.66 46.99 -10.05
CA GLU B 149 26.39 45.74 -9.78
C GLU B 149 27.77 46.10 -9.25
N VAL B 150 28.00 45.84 -7.97
CA VAL B 150 29.30 46.15 -7.39
C VAL B 150 30.29 45.01 -7.61
N CYS B 151 29.80 43.77 -7.71
CA CYS B 151 30.67 42.61 -7.69
C CYS B 151 29.88 41.37 -8.09
N ARG B 152 30.48 40.54 -8.92
CA ARG B 152 29.86 39.30 -9.38
C ARG B 152 30.91 38.20 -9.43
N LEU B 153 30.56 37.03 -8.92
CA LEU B 153 31.44 35.87 -8.96
C LEU B 153 30.63 34.62 -9.26
N GLU B 154 31.23 33.70 -10.00
CA GLU B 154 30.63 32.41 -10.28
C GLU B 154 31.53 31.33 -9.72
N TYR B 155 30.97 30.44 -8.92
CA TYR B 155 31.74 29.42 -8.22
C TYR B 155 30.91 28.17 -8.08
N ARG B 156 31.59 27.04 -7.90
CA ARG B 156 30.94 25.74 -7.74
C ARG B 156 31.15 25.30 -6.30
N PHE B 157 30.13 25.50 -5.47
CA PHE B 157 30.23 25.14 -4.06
C PHE B 157 30.10 23.63 -3.90
N GLY B 158 30.72 23.11 -2.85
CA GLY B 158 30.69 21.69 -2.56
C GLY B 158 29.77 21.37 -1.40
N GLU B 159 29.33 20.11 -1.34
CA GLU B 159 28.33 19.71 -0.37
C GLU B 159 28.87 19.88 1.05
N PHE B 160 28.02 20.41 1.93
CA PHE B 160 28.32 20.60 3.34
C PHE B 160 29.54 21.49 3.56
N GLY B 161 29.88 22.33 2.60
CA GLY B 161 30.98 23.24 2.79
C GLY B 161 30.63 24.39 3.70
N ASN B 162 31.66 25.08 4.17
CA ASN B 162 31.54 26.27 5.00
C ASN B 162 32.36 27.34 4.33
N TYR B 163 31.70 28.27 3.64
CA TYR B 163 32.38 29.27 2.83
C TYR B 163 32.14 30.65 3.40
N SER B 164 33.10 31.54 3.20
CA SER B 164 32.99 32.92 3.65
C SER B 164 33.25 33.85 2.48
N LEU B 165 32.37 34.83 2.31
CA LEU B 165 32.51 35.85 1.27
C LEU B 165 32.73 37.20 1.93
N LEU B 166 33.81 37.88 1.57
CA LEU B 166 34.17 39.17 2.15
C LEU B 166 34.08 40.23 1.06
N VAL B 167 33.28 41.27 1.31
CA VAL B 167 33.13 42.38 0.39
C VAL B 167 34.04 43.49 0.90
N LYS B 168 35.27 43.52 0.41
CA LYS B 168 36.27 44.46 0.90
C LYS B 168 36.02 45.85 0.32
N ASN B 169 36.85 46.79 0.76
CA ASN B 169 36.88 48.14 0.22
C ASN B 169 38.30 48.47 -0.20
N ILE B 170 38.43 49.02 -1.41
CA ILE B 170 39.71 49.30 -2.07
C ILE B 170 40.76 48.22 -1.78
N GLU B 176 37.51 51.27 -4.82
CA GLU B 176 36.98 50.11 -5.52
C GLU B 176 36.37 49.10 -4.54
N ILE B 177 35.59 48.17 -5.07
CA ILE B 177 34.97 47.11 -4.29
C ILE B 177 35.35 45.78 -4.91
N ALA B 178 35.85 44.85 -4.08
CA ALA B 178 36.27 43.55 -4.54
C ALA B 178 35.78 42.48 -3.58
N CYS B 179 35.61 41.26 -4.11
CA CYS B 179 35.13 40.12 -3.33
C CYS B 179 36.15 39.00 -3.36
N ASP B 180 36.34 38.35 -2.22
CA ASP B 180 37.20 37.18 -2.12
C ASP B 180 36.45 36.08 -1.39
N LEU B 181 36.46 34.88 -1.96
CA LEU B 181 35.75 33.75 -1.41
C LEU B 181 36.76 32.79 -0.80
N ALA B 182 36.64 32.54 0.50
CA ALA B 182 37.55 31.68 1.24
C ALA B 182 36.80 30.45 1.74
N VAL B 183 37.48 29.31 1.72
CA VAL B 183 36.89 28.04 2.12
C VAL B 183 37.28 27.81 3.58
N ASN B 184 36.34 28.09 4.49
CA ASN B 184 36.62 27.87 5.91
C ASN B 184 36.76 26.39 6.20
N GLU B 185 35.80 25.58 5.76
CA GLU B 185 35.82 24.14 5.91
C GLU B 185 35.62 23.51 4.55
N ASP B 186 36.46 22.55 4.20
CA ASP B 186 36.38 21.91 2.91
C ASP B 186 35.12 21.06 2.80
N PRO B 187 34.52 20.99 1.61
CA PRO B 187 33.32 20.17 1.44
C PRO B 187 33.65 18.69 1.38
N VAL B 188 32.60 17.88 1.50
CA VAL B 188 32.75 16.43 1.44
C VAL B 188 32.68 15.99 -0.03
N ASP B 189 33.10 14.76 -0.28
CA ASP B 189 32.98 14.15 -1.60
C ASP B 189 31.64 13.44 -1.67
N SER B 190 30.69 14.04 -2.38
CA SER B 190 29.32 13.53 -2.42
C SER B 190 29.16 12.34 -3.35
N ASN B 191 30.04 12.20 -4.34
CA ASN B 191 29.98 11.10 -5.31
C ASN B 191 30.84 9.92 -4.90
N LEU B 192 31.42 9.94 -3.70
CA LEU B 192 32.20 8.80 -3.24
C LEU B 192 31.37 7.52 -3.11
N PRO B 193 30.17 7.52 -2.53
CA PRO B 193 29.39 6.26 -2.52
C PRO B 193 29.10 5.71 -3.90
N VAL B 194 28.87 6.57 -4.89
CA VAL B 194 28.64 6.08 -6.25
C VAL B 194 29.93 5.51 -6.84
N SER B 195 31.06 6.15 -6.57
CA SER B 195 32.34 5.61 -7.03
C SER B 195 32.61 4.25 -6.40
N ILE B 196 32.36 4.13 -5.10
CA ILE B 196 32.63 2.88 -4.39
C ILE B 196 31.65 1.79 -4.84
N ALA B 197 30.40 2.15 -5.09
CA ALA B 197 29.40 1.17 -5.50
C ALA B 197 29.77 0.52 -6.84
N PHE B 198 30.31 1.30 -7.77
CA PHE B 198 30.73 0.72 -9.04
C PHE B 198 31.95 -0.17 -8.87
N LEU B 199 32.85 0.17 -7.95
CA LEU B 199 33.99 -0.69 -7.68
C LEU B 199 33.56 -2.01 -7.04
N ILE B 200 32.58 -1.96 -6.14
CA ILE B 200 32.07 -3.18 -5.52
C ILE B 200 31.44 -4.08 -6.58
N GLY B 201 30.60 -3.50 -7.44
CA GLY B 201 29.94 -4.30 -8.46
C GLY B 201 30.92 -4.85 -9.49
N LEU B 202 31.91 -4.04 -9.87
CA LEU B 202 32.93 -4.51 -10.80
C LEU B 202 33.77 -5.63 -10.19
N ALA B 203 34.07 -5.53 -8.90
CA ALA B 203 34.83 -6.59 -8.23
C ALA B 203 34.05 -7.89 -8.19
N VAL B 204 32.74 -7.82 -7.91
CA VAL B 204 31.92 -9.02 -7.85
C VAL B 204 31.85 -9.69 -9.22
N ILE B 205 31.78 -8.89 -10.28
CA ILE B 205 31.77 -9.46 -11.63
C ILE B 205 33.06 -10.21 -11.91
N ILE B 206 34.20 -9.60 -11.58
CA ILE B 206 35.48 -10.25 -11.81
C ILE B 206 35.64 -11.47 -10.91
N VAL B 207 35.22 -11.37 -9.66
CA VAL B 207 35.37 -12.50 -8.74
C VAL B 207 34.55 -13.70 -9.23
N ILE B 208 33.29 -13.46 -9.59
CA ILE B 208 32.43 -14.55 -10.07
C ILE B 208 32.95 -15.11 -11.38
N SER B 209 33.36 -14.25 -12.30
CA SER B 209 33.92 -14.72 -13.57
C SER B 209 35.19 -15.54 -13.32
N PHE B 210 36.04 -15.08 -12.39
CA PHE B 210 37.22 -15.85 -12.03
C PHE B 210 36.85 -17.14 -11.31
N LEU B 211 35.85 -17.08 -10.42
CA LEU B 211 35.47 -18.26 -9.65
C LEU B 211 34.82 -19.32 -10.55
N ARG B 212 33.88 -18.90 -11.41
CA ARG B 212 33.23 -19.86 -12.30
C ARG B 212 34.21 -20.47 -13.28
N LEU B 213 35.15 -19.66 -13.79
CA LEU B 213 36.13 -20.18 -14.75
C LEU B 213 37.02 -21.23 -14.11
N LEU B 214 37.45 -21.01 -12.86
CA LEU B 214 38.31 -21.97 -12.19
C LEU B 214 37.59 -23.30 -11.97
N LEU B 215 36.32 -23.25 -11.58
CA LEU B 215 35.55 -24.46 -11.34
C LEU B 215 35.12 -25.11 -12.65
N PRO B 266 12.43 -20.40 -30.69
CA PRO B 266 11.80 -19.96 -29.44
C PRO B 266 12.03 -18.49 -29.13
N ARG B 267 12.60 -18.21 -27.96
CA ARG B 267 12.78 -16.85 -27.48
C ARG B 267 14.19 -16.38 -27.72
N LEU B 268 14.34 -15.07 -27.97
CA LEU B 268 15.65 -14.43 -28.07
C LEU B 268 16.06 -13.96 -26.68
N ARG B 269 17.22 -14.43 -26.22
CA ARG B 269 17.65 -14.11 -24.86
C ARG B 269 18.05 -12.66 -24.70
N SER B 270 18.56 -12.03 -25.77
CA SER B 270 19.05 -10.67 -25.66
C SER B 270 17.93 -9.66 -25.49
N VAL B 271 16.74 -9.95 -26.03
CA VAL B 271 15.61 -9.05 -25.85
C VAL B 271 15.14 -9.07 -24.40
N ASP B 272 15.09 -10.24 -23.78
CA ASP B 272 14.74 -10.33 -22.37
C ASP B 272 15.81 -9.70 -21.48
N THR B 273 17.08 -9.89 -21.84
CA THR B 273 18.17 -9.27 -21.10
C THR B 273 18.06 -7.75 -21.14
N PHE B 274 17.79 -7.19 -22.32
CA PHE B 274 17.80 -5.75 -22.47
C PHE B 274 16.55 -5.13 -21.84
N ARG B 275 15.43 -5.87 -21.89
CA ARG B 275 14.24 -5.45 -21.17
C ARG B 275 14.45 -5.48 -19.67
N GLY B 276 15.19 -6.47 -19.18
CA GLY B 276 15.46 -6.54 -17.75
C GLY B 276 16.38 -5.44 -17.26
N ILE B 277 17.37 -5.07 -18.07
CA ILE B 277 18.24 -3.95 -17.71
C ILE B 277 17.44 -2.65 -17.62
N ALA B 278 16.59 -2.39 -18.61
CA ALA B 278 15.77 -1.19 -18.57
C ALA B 278 14.85 -1.18 -17.36
N LEU B 279 14.24 -2.32 -17.05
CA LEU B 279 13.33 -2.39 -15.91
C LEU B 279 14.07 -2.26 -14.58
N ILE B 280 15.27 -2.84 -14.47
CA ILE B 280 16.03 -2.74 -13.23
C ILE B 280 16.39 -1.29 -12.95
N LEU B 281 16.83 -0.57 -13.98
CA LEU B 281 17.14 0.84 -13.79
C LEU B 281 15.89 1.67 -13.52
N MET B 282 14.74 1.27 -14.07
CA MET B 282 13.50 1.96 -13.72
C MET B 282 13.16 1.81 -12.25
N VAL B 283 13.36 0.61 -11.71
CA VAL B 283 13.11 0.38 -10.28
C VAL B 283 14.07 1.20 -9.42
N PHE B 284 15.36 1.20 -9.79
CA PHE B 284 16.35 1.97 -9.02
C PHE B 284 16.06 3.45 -9.06
N VAL B 285 15.67 3.97 -10.22
CA VAL B 285 15.41 5.40 -10.37
C VAL B 285 14.14 5.82 -9.64
N ASN B 286 13.09 4.99 -9.69
CA ASN B 286 11.84 5.35 -9.03
C ASN B 286 12.02 5.47 -7.53
N TYR B 287 12.78 4.55 -6.93
CA TYR B 287 13.07 4.62 -5.50
C TYR B 287 13.82 5.89 -5.10
N GLY B 288 14.52 6.52 -6.02
CA GLY B 288 15.16 7.77 -5.72
C GLY B 288 16.52 7.94 -6.36
N GLY B 289 17.20 6.83 -6.64
CA GLY B 289 18.51 6.89 -7.25
C GLY B 289 19.56 7.51 -6.36
N GLY B 290 19.51 7.24 -5.06
CA GLY B 290 20.47 7.79 -4.13
C GLY B 290 20.29 9.25 -3.82
N LYS B 291 19.19 9.86 -4.28
CA LYS B 291 18.97 11.30 -4.22
C LYS B 291 20.01 12.08 -5.02
N TYR B 292 20.58 11.44 -6.04
CA TYR B 292 21.57 12.07 -6.89
C TYR B 292 20.88 12.73 -8.06
N TRP B 293 21.39 13.91 -8.45
CA TRP B 293 20.72 14.67 -9.49
C TRP B 293 20.80 14.01 -10.85
N TYR B 294 21.74 13.08 -11.06
CA TYR B 294 21.88 12.40 -12.34
C TYR B 294 21.19 11.05 -12.36
N PHE B 295 20.62 10.61 -11.25
CA PHE B 295 19.71 9.49 -11.22
C PHE B 295 18.28 9.95 -11.05
N LYS B 296 18.02 11.22 -11.36
CA LYS B 296 16.70 11.82 -11.39
C LYS B 296 16.44 12.34 -12.80
N HIS B 297 15.20 12.75 -13.05
CA HIS B 297 14.85 13.30 -14.34
C HIS B 297 15.37 14.72 -14.45
N ALA B 298 15.79 15.10 -15.66
CA ALA B 298 16.25 16.46 -15.88
C ALA B 298 15.10 17.43 -15.68
N SER B 299 15.42 18.66 -15.31
CA SER B 299 14.39 19.64 -15.07
C SER B 299 13.58 19.89 -16.35
N TRP B 300 14.20 20.47 -17.37
CA TRP B 300 13.54 20.52 -18.66
C TRP B 300 14.30 19.77 -19.74
N ASN B 301 15.51 20.20 -20.08
CA ASN B 301 16.19 19.72 -21.29
C ASN B 301 17.39 18.86 -20.93
N GLY B 302 17.82 18.08 -21.90
CA GLY B 302 18.98 17.22 -21.71
C GLY B 302 18.60 15.85 -21.21
N LEU B 303 19.65 15.08 -20.93
CA LEU B 303 19.53 13.68 -20.53
C LEU B 303 20.21 13.46 -19.20
N THR B 304 19.58 12.65 -18.35
CA THR B 304 20.23 12.01 -17.22
C THR B 304 20.03 10.51 -17.37
N VAL B 305 20.45 9.76 -16.36
CA VAL B 305 20.30 8.31 -16.42
C VAL B 305 18.84 7.91 -16.23
N ALA B 306 18.04 8.77 -15.60
CA ALA B 306 16.63 8.45 -15.41
C ALA B 306 15.84 8.60 -16.70
N ASP B 307 16.31 9.42 -17.62
CA ASP B 307 15.60 9.71 -18.85
C ASP B 307 15.79 8.66 -19.93
N LEU B 308 16.62 7.65 -19.69
CA LEU B 308 16.95 6.67 -20.71
C LEU B 308 16.05 5.44 -20.69
N VAL B 309 15.42 5.14 -19.57
CA VAL B 309 14.95 3.78 -19.33
C VAL B 309 13.49 3.56 -19.74
N PHE B 310 12.69 4.59 -19.87
CA PHE B 310 11.32 4.40 -20.37
C PHE B 310 11.28 4.32 -21.91
N PRO B 311 12.00 5.18 -22.64
CA PRO B 311 12.05 4.98 -24.09
C PRO B 311 12.60 3.64 -24.52
N TRP B 312 13.59 3.13 -23.78
CA TRP B 312 14.14 1.82 -24.09
C TRP B 312 13.10 0.74 -23.89
N PHE B 313 12.30 0.85 -22.83
CA PHE B 313 11.24 -0.13 -22.61
C PHE B 313 10.20 -0.08 -23.73
N VAL B 314 9.85 1.11 -24.20
CA VAL B 314 8.91 1.21 -25.32
C VAL B 314 9.50 0.58 -26.58
N PHE B 315 10.77 0.82 -26.84
CA PHE B 315 11.46 0.20 -27.97
C PHE B 315 11.36 -1.32 -27.91
N ILE B 316 11.73 -1.90 -26.76
CA ILE B 316 11.71 -3.35 -26.60
C ILE B 316 10.29 -3.88 -26.70
N MET B 317 9.30 -3.12 -26.22
CA MET B 317 7.92 -3.56 -26.31
C MET B 317 7.47 -3.64 -27.77
N GLY B 318 7.92 -2.72 -28.61
CA GLY B 318 7.62 -2.84 -30.03
C GLY B 318 8.25 -4.08 -30.65
N SER B 319 9.51 -4.35 -30.31
CA SER B 319 10.16 -5.57 -30.79
C SER B 319 9.37 -6.81 -30.38
N SER B 320 8.99 -6.88 -29.11
CA SER B 320 8.22 -8.03 -28.62
C SER B 320 6.86 -8.11 -29.29
N ILE B 321 6.24 -6.97 -29.61
CA ILE B 321 4.96 -6.99 -30.31
C ILE B 321 5.11 -7.73 -31.63
N PHE B 322 6.11 -7.36 -32.43
CA PHE B 322 6.27 -8.01 -33.73
C PHE B 322 6.63 -9.49 -33.57
N LEU B 323 7.55 -9.81 -32.67
CA LEU B 323 7.98 -11.19 -32.53
C LEU B 323 6.83 -12.09 -32.08
N SER B 324 6.11 -11.67 -31.04
CA SER B 324 4.99 -12.46 -30.54
C SER B 324 3.88 -12.58 -31.58
N MET B 325 3.55 -11.49 -32.25
CA MET B 325 2.49 -11.53 -33.26
C MET B 325 2.85 -12.48 -34.41
N THR B 326 4.10 -12.44 -34.86
CA THR B 326 4.52 -13.32 -35.95
C THR B 326 4.42 -14.78 -35.54
N SER B 327 4.89 -15.12 -34.33
CA SER B 327 4.78 -16.50 -33.86
C SER B 327 3.33 -16.93 -33.75
N ILE B 328 2.48 -16.08 -33.18
CA ILE B 328 1.07 -16.43 -32.98
C ILE B 328 0.38 -16.66 -34.32
N LEU B 329 0.59 -15.74 -35.28
CA LEU B 329 -0.07 -15.87 -36.56
C LEU B 329 0.49 -17.04 -37.36
N GLN B 330 1.77 -17.36 -37.18
CA GLN B 330 2.34 -18.52 -37.85
C GLN B 330 1.74 -19.81 -37.34
N ARG B 331 1.40 -19.87 -36.04
CA ARG B 331 0.72 -21.04 -35.52
C ARG B 331 -0.68 -21.20 -36.07
N GLY B 332 -1.21 -20.20 -36.76
CA GLY B 332 -2.51 -20.30 -37.40
C GLY B 332 -3.66 -19.60 -36.69
N CYS B 333 -3.38 -18.82 -35.66
CA CYS B 333 -4.44 -18.15 -34.92
C CYS B 333 -5.16 -17.13 -35.80
N SER B 334 -6.43 -16.92 -35.51
CA SER B 334 -7.23 -15.95 -36.25
C SER B 334 -6.86 -14.53 -35.82
N LYS B 335 -7.07 -13.59 -36.74
CA LYS B 335 -6.75 -12.19 -36.45
C LYS B 335 -7.77 -11.53 -35.55
N PHE B 336 -8.98 -12.08 -35.43
CA PHE B 336 -9.98 -11.47 -34.56
C PHE B 336 -9.81 -11.90 -33.12
N ARG B 337 -9.41 -13.14 -32.88
CA ARG B 337 -9.05 -13.54 -31.52
C ARG B 337 -7.86 -12.73 -31.03
N LEU B 338 -6.88 -12.52 -31.90
CA LEU B 338 -5.71 -11.74 -31.55
C LEU B 338 -6.07 -10.26 -31.36
N LEU B 339 -6.98 -9.74 -32.17
CA LEU B 339 -7.44 -8.36 -31.98
C LEU B 339 -8.13 -8.20 -30.63
N GLY B 340 -8.95 -9.17 -30.24
CA GLY B 340 -9.56 -9.12 -28.93
C GLY B 340 -8.55 -9.17 -27.81
N LYS B 341 -7.50 -9.98 -27.97
CA LYS B 341 -6.44 -10.04 -26.97
C LYS B 341 -5.70 -8.71 -26.86
N ILE B 342 -5.44 -8.06 -28.00
CA ILE B 342 -4.75 -6.77 -28.00
C ILE B 342 -5.58 -5.72 -27.28
N ALA B 343 -6.88 -5.67 -27.59
CA ALA B 343 -7.76 -4.70 -26.94
C ALA B 343 -7.86 -4.97 -25.44
N TRP B 344 -7.91 -6.24 -25.05
CA TRP B 344 -8.02 -6.56 -23.63
C TRP B 344 -6.75 -6.17 -22.88
N ARG B 345 -5.58 -6.44 -23.47
CA ARG B 345 -4.33 -6.06 -22.83
C ARG B 345 -4.20 -4.56 -22.66
N SER B 346 -4.57 -3.80 -23.68
CA SER B 346 -4.49 -2.34 -23.61
C SER B 346 -5.43 -1.79 -22.53
N PHE B 347 -6.66 -2.29 -22.48
CA PHE B 347 -7.61 -1.83 -21.48
C PHE B 347 -7.13 -2.15 -20.07
N LEU B 348 -6.56 -3.34 -19.88
CA LEU B 348 -6.03 -3.71 -18.57
C LEU B 348 -4.90 -2.80 -18.14
N LEU B 349 -3.97 -2.50 -19.05
CA LEU B 349 -2.83 -1.65 -18.68
C LEU B 349 -3.30 -0.26 -18.29
N ILE B 350 -4.21 0.32 -19.06
CA ILE B 350 -4.72 1.65 -18.75
C ILE B 350 -5.38 1.66 -17.37
N CYS B 351 -6.27 0.69 -17.12
CA CYS B 351 -7.00 0.65 -15.86
C CYS B 351 -6.07 0.42 -14.67
N ILE B 352 -5.10 -0.49 -14.81
CA ILE B 352 -4.13 -0.71 -13.74
C ILE B 352 -3.38 0.58 -13.43
N GLY B 353 -2.94 1.30 -14.46
CA GLY B 353 -2.24 2.54 -14.22
C GLY B 353 -3.08 3.54 -13.43
N ILE B 354 -4.29 3.82 -13.92
CA ILE B 354 -5.13 4.85 -13.30
C ILE B 354 -5.46 4.49 -11.85
N ILE B 355 -5.87 3.24 -11.63
CA ILE B 355 -6.48 2.87 -10.36
C ILE B 355 -5.46 2.41 -9.33
N ILE B 356 -4.32 1.89 -9.75
CA ILE B 356 -3.33 1.30 -8.86
C ILE B 356 -2.05 2.13 -8.81
N VAL B 357 -1.53 2.52 -9.97
CA VAL B 357 -0.16 3.03 -10.01
C VAL B 357 -0.09 4.52 -9.74
N ASN B 358 -0.99 5.33 -10.33
CA ASN B 358 -0.91 6.78 -10.11
C ASN B 358 -1.17 7.19 -8.67
N PRO B 359 -2.31 6.85 -8.05
CA PRO B 359 -2.72 7.55 -6.84
C PRO B 359 -1.81 7.28 -5.65
N ASN B 360 -1.68 8.29 -4.80
CA ASN B 360 -1.01 8.17 -3.51
C ASN B 360 -2.11 7.95 -2.48
N TYR B 361 -2.34 6.69 -2.15
CA TYR B 361 -3.42 6.32 -1.24
C TYR B 361 -3.06 6.54 0.22
N CYS B 362 -1.83 6.95 0.50
CA CYS B 362 -1.47 7.36 1.85
C CYS B 362 -2.12 8.69 2.21
N LEU B 363 -2.41 9.52 1.21
CA LEU B 363 -3.04 10.81 1.46
C LEU B 363 -4.50 10.66 1.83
N GLY B 364 -5.25 9.81 1.11
CA GLY B 364 -6.64 9.58 1.41
C GLY B 364 -7.33 8.76 0.36
N PRO B 365 -8.64 8.58 0.50
CA PRO B 365 -9.40 7.81 -0.49
C PRO B 365 -9.53 8.57 -1.80
N LEU B 366 -9.81 7.82 -2.86
CA LEU B 366 -9.84 8.39 -4.20
C LEU B 366 -11.09 9.22 -4.41
N SER B 367 -10.90 10.45 -4.87
CA SER B 367 -11.98 11.29 -5.36
C SER B 367 -11.73 11.62 -6.82
N TRP B 368 -12.80 11.75 -7.59
CA TRP B 368 -12.67 11.92 -9.03
C TRP B 368 -11.96 13.21 -9.39
N ASP B 369 -12.24 14.29 -8.65
CA ASP B 369 -11.65 15.57 -9.02
C ASP B 369 -10.13 15.59 -8.87
N LYS B 370 -9.55 14.67 -8.11
CA LYS B 370 -8.11 14.60 -7.94
C LYS B 370 -7.47 13.47 -8.71
N VAL B 371 -8.21 12.76 -9.55
CA VAL B 371 -7.66 11.61 -10.26
C VAL B 371 -6.80 12.10 -11.42
N ARG B 372 -5.57 11.60 -11.49
CA ARG B 372 -4.68 11.88 -12.60
C ARG B 372 -4.86 10.82 -13.67
N ILE B 373 -5.27 11.23 -14.86
CA ILE B 373 -5.59 10.32 -15.95
C ILE B 373 -4.34 9.84 -16.69
N PRO B 374 -3.40 10.71 -17.09
CA PRO B 374 -2.22 10.22 -17.79
C PRO B 374 -1.26 9.51 -16.87
N GLY B 375 -0.35 8.75 -17.47
CA GLY B 375 0.61 7.99 -16.69
C GLY B 375 1.45 7.10 -17.57
N VAL B 376 2.29 6.30 -16.90
CA VAL B 376 3.24 5.43 -17.58
C VAL B 376 2.53 4.22 -18.20
N LEU B 377 1.70 3.54 -17.41
CA LEU B 377 1.00 2.36 -17.90
C LEU B 377 -0.14 2.72 -18.84
N GLN B 378 -0.76 3.89 -18.64
CA GLN B 378 -1.76 4.35 -19.59
C GLN B 378 -1.14 4.58 -20.97
N ARG B 379 0.06 5.14 -21.00
CA ARG B 379 0.73 5.38 -22.27
C ARG B 379 1.31 4.12 -22.88
N LEU B 380 1.77 3.17 -22.06
CA LEU B 380 2.08 1.85 -22.58
C LEU B 380 0.86 1.19 -23.20
N GLY B 381 -0.30 1.34 -22.57
CA GLY B 381 -1.51 0.76 -23.12
C GLY B 381 -1.94 1.36 -24.43
N VAL B 382 -1.91 2.69 -24.54
CA VAL B 382 -2.28 3.33 -25.79
C VAL B 382 -1.29 3.00 -26.89
N THR B 383 0.01 3.04 -26.58
CA THR B 383 1.03 2.71 -27.56
C THR B 383 0.91 1.25 -28.00
N TYR B 384 0.69 0.34 -27.05
CA TYR B 384 0.53 -1.06 -27.38
C TYR B 384 -0.67 -1.27 -28.31
N PHE B 385 -1.80 -0.66 -27.99
CA PHE B 385 -2.97 -0.82 -28.85
C PHE B 385 -2.67 -0.34 -30.26
N VAL B 386 -2.16 0.88 -30.40
CA VAL B 386 -2.00 1.46 -31.74
C VAL B 386 -0.99 0.67 -32.55
N VAL B 387 0.16 0.35 -31.96
CA VAL B 387 1.22 -0.34 -32.70
C VAL B 387 0.82 -1.77 -33.01
N ALA B 388 0.25 -2.49 -32.03
CA ALA B 388 -0.13 -3.87 -32.26
C ALA B 388 -1.25 -3.98 -33.30
N VAL B 389 -2.22 -3.08 -33.25
CA VAL B 389 -3.30 -3.11 -34.22
C VAL B 389 -2.79 -2.76 -35.61
N LEU B 390 -1.84 -1.82 -35.69
CA LEU B 390 -1.26 -1.47 -36.99
C LEU B 390 -0.54 -2.66 -37.61
N GLU B 391 0.32 -3.32 -36.82
CA GLU B 391 1.05 -4.48 -37.32
C GLU B 391 0.10 -5.61 -37.69
N LEU B 392 -0.89 -5.87 -36.83
CA LEU B 392 -1.85 -6.94 -37.10
C LEU B 392 -2.65 -6.66 -38.37
N LEU B 393 -3.08 -5.42 -38.56
CA LEU B 393 -3.85 -5.06 -39.75
C LEU B 393 -3.03 -5.28 -41.01
N PHE B 394 -1.76 -4.87 -41.00
CA PHE B 394 -0.90 -4.98 -42.17
C PHE B 394 0.07 -6.15 -42.07
N ALA B 395 -0.31 -7.22 -41.38
CA ALA B 395 0.58 -8.35 -41.19
C ALA B 395 0.84 -9.08 -42.49
N LYS B 396 2.05 -9.58 -42.64
CA LYS B 396 2.53 -10.35 -43.78
C LYS B 396 3.35 -11.53 -43.28
N PRO B 397 3.41 -12.62 -44.03
CA PRO B 397 4.29 -13.72 -43.63
C PRO B 397 5.74 -13.42 -43.97
N VAL B 398 6.64 -13.95 -43.14
CA VAL B 398 8.07 -13.65 -43.26
C VAL B 398 8.66 -14.42 -44.42
N PRO B 399 9.20 -13.75 -45.44
CA PRO B 399 9.86 -14.47 -46.52
C PRO B 399 11.22 -15.00 -46.07
N GLU B 400 11.68 -16.05 -46.76
CA GLU B 400 12.97 -16.64 -46.46
C GLU B 400 13.96 -16.39 -47.58
N CYS B 408 23.90 -10.12 -48.78
CA CYS B 408 22.46 -10.07 -49.05
C CYS B 408 21.93 -8.65 -48.90
N LEU B 409 22.22 -7.80 -49.88
CA LEU B 409 21.79 -6.41 -49.86
C LEU B 409 20.34 -6.35 -50.31
N SER B 410 19.44 -6.03 -49.37
CA SER B 410 18.02 -5.90 -49.69
C SER B 410 17.37 -5.01 -48.66
N LEU B 411 16.20 -4.48 -49.03
CA LEU B 411 15.39 -3.65 -48.16
C LEU B 411 14.03 -4.29 -47.95
N ARG B 412 14.01 -5.62 -47.83
CA ARG B 412 12.75 -6.35 -47.84
C ARG B 412 11.87 -5.97 -46.66
N ASP B 413 12.46 -5.86 -45.47
CA ASP B 413 11.66 -5.53 -44.29
C ASP B 413 11.21 -4.07 -44.29
N ILE B 414 11.89 -3.22 -45.03
CA ILE B 414 11.51 -1.81 -45.08
C ILE B 414 10.43 -1.58 -46.13
N THR B 415 10.46 -2.34 -47.23
CA THR B 415 9.49 -2.12 -48.29
C THR B 415 8.24 -2.97 -48.13
N SER B 416 8.34 -4.13 -47.46
CA SER B 416 7.15 -4.94 -47.25
C SER B 416 6.19 -4.32 -46.24
N SER B 417 6.59 -3.27 -45.55
CA SER B 417 5.76 -2.57 -44.59
C SER B 417 5.76 -1.07 -44.86
N TRP B 418 5.55 -0.70 -46.11
CA TRP B 418 5.48 0.71 -46.47
C TRP B 418 4.20 1.38 -45.97
N PRO B 419 3.04 0.71 -45.86
CA PRO B 419 1.88 1.40 -45.26
C PRO B 419 2.11 1.85 -43.84
N GLN B 420 2.77 1.03 -43.02
CA GLN B 420 3.05 1.42 -41.65
C GLN B 420 3.96 2.64 -41.60
N TRP B 421 4.98 2.67 -42.45
CA TRP B 421 5.88 3.82 -42.50
C TRP B 421 5.14 5.08 -42.95
N LEU B 422 4.23 4.93 -43.91
CA LEU B 422 3.46 6.08 -44.36
C LEU B 422 2.62 6.67 -43.24
N LEU B 423 1.92 5.81 -42.50
CA LEU B 423 1.12 6.31 -41.38
C LEU B 423 2.00 6.89 -40.27
N ILE B 424 3.17 6.29 -40.03
CA ILE B 424 4.04 6.80 -38.98
C ILE B 424 4.58 8.19 -39.33
N LEU B 425 5.00 8.39 -40.58
CA LEU B 425 5.47 9.70 -40.98
C LEU B 425 4.35 10.73 -40.99
N VAL B 426 3.13 10.33 -41.35
CA VAL B 426 2.00 11.25 -41.27
C VAL B 426 1.72 11.64 -39.82
N LEU B 427 1.77 10.67 -38.90
CA LEU B 427 1.55 10.96 -37.49
C LEU B 427 2.65 11.85 -36.92
N GLU B 428 3.89 11.63 -37.34
CA GLU B 428 4.98 12.48 -36.90
C GLU B 428 4.84 13.90 -37.44
N GLY B 429 4.39 14.05 -38.68
CA GLY B 429 4.10 15.37 -39.18
C GLY B 429 3.00 16.06 -38.41
N LEU B 430 2.03 15.28 -37.92
CA LEU B 430 1.00 15.86 -37.05
C LEU B 430 1.61 16.39 -35.75
N TRP B 431 2.51 15.63 -35.13
CA TRP B 431 3.15 16.10 -33.90
C TRP B 431 3.92 17.39 -34.15
N LEU B 432 4.71 17.43 -35.23
CA LEU B 432 5.50 18.62 -35.54
C LEU B 432 4.61 19.82 -35.82
N GLY B 433 3.51 19.62 -36.56
CA GLY B 433 2.63 20.74 -36.84
C GLY B 433 1.91 21.26 -35.62
N LEU B 434 1.38 20.36 -34.78
CA LEU B 434 0.69 20.80 -33.57
C LEU B 434 1.65 21.42 -32.58
N THR B 435 2.93 21.09 -32.66
CA THR B 435 3.89 21.62 -31.70
C THR B 435 4.41 22.98 -32.12
N PHE B 436 4.73 23.16 -33.40
CA PHE B 436 5.35 24.40 -33.85
C PHE B 436 4.38 25.39 -34.47
N LEU B 437 3.13 25.00 -34.70
CA LEU B 437 2.21 25.88 -35.42
C LEU B 437 0.86 26.05 -34.75
N LEU B 438 0.52 25.29 -33.71
CA LEU B 438 -0.75 25.49 -33.05
C LEU B 438 -0.70 26.77 -32.24
N PRO B 439 -1.64 27.71 -32.45
CA PRO B 439 -1.68 28.93 -31.62
C PRO B 439 -2.25 28.63 -30.24
N VAL B 440 -1.43 28.86 -29.21
CA VAL B 440 -1.83 28.68 -27.82
C VAL B 440 -2.17 30.06 -27.25
N PRO B 441 -3.37 30.25 -26.69
CA PRO B 441 -3.74 31.59 -26.21
C PRO B 441 -2.85 32.06 -25.07
N GLY B 442 -2.50 33.34 -25.12
CA GLY B 442 -1.64 33.93 -24.10
C GLY B 442 -0.28 33.26 -24.01
N CYS B 443 0.30 32.91 -25.15
CA CYS B 443 1.54 32.15 -25.18
C CYS B 443 2.14 32.22 -26.57
N PRO B 444 3.46 32.21 -26.72
CA PRO B 444 4.05 32.21 -28.06
C PRO B 444 3.75 30.90 -28.79
N THR B 445 3.78 30.99 -30.11
CA THR B 445 3.54 29.82 -30.95
C THR B 445 4.84 29.06 -31.13
N GLY B 446 4.77 27.74 -31.00
CA GLY B 446 5.96 26.91 -31.08
C GLY B 446 6.91 27.10 -29.93
N TYR B 447 6.39 27.23 -28.71
CA TYR B 447 7.19 27.44 -27.53
C TYR B 447 7.54 26.10 -26.89
N LEU B 448 8.82 25.85 -26.69
CA LEU B 448 9.31 24.58 -26.17
C LEU B 448 9.98 24.73 -24.81
N GLY B 449 9.79 25.86 -24.15
CA GLY B 449 10.47 26.15 -22.91
C GLY B 449 9.71 25.71 -21.68
N PRO B 450 10.27 25.96 -20.50
CA PRO B 450 9.66 25.49 -19.26
C PRO B 450 8.76 26.49 -18.56
N GLY B 451 8.74 27.76 -18.97
CA GLY B 451 8.01 28.73 -18.19
C GLY B 451 8.71 28.99 -16.87
N GLY B 452 7.91 29.30 -15.85
CA GLY B 452 8.48 29.62 -14.55
C GLY B 452 9.35 30.83 -14.64
N ILE B 453 10.57 30.73 -14.08
CA ILE B 453 11.57 31.78 -14.26
C ILE B 453 12.42 31.57 -15.49
N GLY B 454 12.19 30.49 -16.23
CA GLY B 454 12.94 30.25 -17.45
C GLY B 454 12.59 31.23 -18.54
N ASP B 455 13.51 31.37 -19.49
CA ASP B 455 13.39 32.35 -20.57
C ASP B 455 13.17 33.77 -20.02
N PHE B 456 13.90 34.08 -18.95
CA PHE B 456 13.89 35.41 -18.33
C PHE B 456 12.52 35.77 -17.76
N GLY B 457 11.74 34.77 -17.36
CA GLY B 457 10.50 35.03 -16.66
C GLY B 457 9.42 35.70 -17.47
N LYS B 458 9.50 35.63 -18.79
CA LYS B 458 8.49 36.28 -19.63
C LYS B 458 7.21 35.46 -19.69
N TYR B 459 7.32 34.14 -19.56
CA TYR B 459 6.27 33.20 -19.96
C TYR B 459 5.91 32.29 -18.79
N PRO B 460 5.54 32.85 -17.65
CA PRO B 460 5.53 32.03 -16.41
C PRO B 460 4.56 30.86 -16.44
N ASN B 461 3.43 30.99 -17.12
CA ASN B 461 2.40 29.94 -17.11
C ASN B 461 2.36 29.15 -18.40
N CYS B 462 3.45 29.14 -19.16
CA CYS B 462 3.52 28.50 -20.47
C CYS B 462 4.34 27.22 -20.45
N THR B 463 4.34 26.50 -19.34
CA THR B 463 5.10 25.25 -19.25
C THR B 463 4.55 24.21 -20.20
N GLY B 464 5.33 23.84 -21.21
CA GLY B 464 4.97 22.84 -22.17
C GLY B 464 4.65 23.37 -23.54
N GLY B 465 3.97 24.51 -23.63
CA GLY B 465 3.58 25.02 -24.92
C GLY B 465 2.28 24.39 -25.36
N ALA B 466 2.25 23.92 -26.62
CA ALA B 466 1.04 23.29 -27.16
C ALA B 466 0.74 21.96 -26.49
N ALA B 467 1.77 21.23 -26.05
CA ALA B 467 1.55 19.97 -25.36
C ALA B 467 0.76 20.18 -24.08
N GLY B 468 1.23 21.09 -23.24
CA GLY B 468 0.53 21.39 -22.01
C GLY B 468 -0.82 22.04 -22.24
N TYR B 469 -0.93 22.87 -23.27
CA TYR B 469 -2.21 23.50 -23.58
C TYR B 469 -3.25 22.47 -24.00
N ILE B 470 -2.87 21.50 -24.81
CA ILE B 470 -3.79 20.44 -25.20
C ILE B 470 -4.18 19.59 -24.00
N ASP B 471 -3.21 19.28 -23.13
CA ASP B 471 -3.51 18.53 -21.92
C ASP B 471 -4.51 19.28 -21.05
N ARG B 472 -4.28 20.57 -20.83
CA ARG B 472 -5.15 21.37 -19.98
C ARG B 472 -6.53 21.52 -20.59
N LEU B 473 -6.60 21.66 -21.92
CA LEU B 473 -7.88 21.84 -22.59
C LEU B 473 -8.72 20.57 -22.57
N LEU B 474 -8.09 19.41 -22.71
CA LEU B 474 -8.84 18.16 -22.82
C LEU B 474 -9.03 17.45 -21.49
N LEU B 475 -8.19 17.72 -20.49
CA LEU B 475 -8.23 17.01 -19.23
C LEU B 475 -8.36 17.92 -18.01
N GLY B 476 -7.96 19.18 -18.11
CA GLY B 476 -8.05 20.07 -16.97
C GLY B 476 -6.90 19.91 -16.01
N ASP B 477 -6.47 21.02 -15.39
CA ASP B 477 -5.25 21.01 -14.60
C ASP B 477 -5.30 20.06 -13.41
N ASP B 478 -6.50 19.69 -12.94
CA ASP B 478 -6.58 18.81 -11.79
C ASP B 478 -6.44 17.34 -12.14
N HIS B 479 -6.53 16.98 -13.42
CA HIS B 479 -6.29 15.61 -13.86
C HIS B 479 -4.92 15.43 -14.50
N LEU B 480 -4.01 16.37 -14.25
CA LEU B 480 -2.64 16.32 -14.75
C LEU B 480 -1.68 16.09 -13.59
N TYR B 481 -0.40 16.12 -13.90
CA TYR B 481 0.65 15.88 -12.91
C TYR B 481 0.96 17.18 -12.21
N GLN B 482 0.79 17.22 -10.90
CA GLN B 482 0.89 18.48 -10.17
C GLN B 482 2.31 18.83 -9.80
N HIS B 483 3.27 17.92 -9.99
CA HIS B 483 4.67 18.14 -9.61
C HIS B 483 5.58 17.82 -10.80
N PRO B 484 5.59 18.68 -11.82
CA PRO B 484 6.52 18.47 -12.92
C PRO B 484 7.96 18.67 -12.47
N SER B 485 8.88 18.06 -13.21
CA SER B 485 10.29 18.14 -12.86
C SER B 485 10.86 19.53 -13.02
N SER B 486 10.21 20.39 -13.79
CA SER B 486 10.71 21.76 -13.95
C SER B 486 10.46 22.61 -12.73
N ALA B 487 9.69 22.13 -11.77
CA ALA B 487 9.32 22.95 -10.62
C ALA B 487 10.53 23.31 -9.78
N VAL B 488 11.49 22.38 -9.66
CA VAL B 488 12.61 22.59 -8.75
C VAL B 488 13.56 23.66 -9.27
N LEU B 489 13.84 23.66 -10.58
CA LEU B 489 14.86 24.54 -11.12
C LEU B 489 14.32 25.78 -11.80
N TYR B 490 13.08 25.75 -12.30
CA TYR B 490 12.48 26.91 -12.95
C TYR B 490 11.31 27.47 -12.19
N HIS B 491 10.89 26.83 -11.10
CA HIS B 491 9.84 27.35 -10.22
C HIS B 491 8.55 27.59 -10.98
N THR B 492 8.07 26.54 -11.65
CA THR B 492 6.82 26.61 -12.39
C THR B 492 5.65 26.31 -11.46
N GLU B 493 4.55 27.01 -11.68
CA GLU B 493 3.36 26.83 -10.85
C GLU B 493 2.29 25.97 -11.49
N VAL B 494 2.26 25.88 -12.82
CA VAL B 494 1.22 25.15 -13.52
C VAL B 494 1.53 23.65 -13.52
N ALA B 495 0.47 22.85 -13.50
CA ALA B 495 0.59 21.40 -13.59
C ALA B 495 0.89 21.01 -15.03
N TYR B 496 1.86 20.12 -15.20
CA TYR B 496 2.22 19.59 -16.50
C TYR B 496 2.44 18.09 -16.37
N ASP B 497 1.93 17.33 -17.33
CA ASP B 497 2.04 15.88 -17.29
C ASP B 497 3.06 15.41 -18.33
N PRO B 498 4.18 14.81 -17.91
CA PRO B 498 5.13 14.30 -18.90
C PRO B 498 4.56 13.27 -19.84
N GLU B 499 3.63 12.44 -19.37
CA GLU B 499 2.93 11.45 -20.16
C GLU B 499 1.59 11.94 -20.66
N GLY B 500 1.56 13.09 -21.32
CA GLY B 500 0.34 13.69 -21.77
C GLY B 500 -0.12 13.16 -23.12
N ILE B 501 -1.08 13.87 -23.69
CA ILE B 501 -1.73 13.42 -24.92
C ILE B 501 -0.80 13.56 -26.11
N LEU B 502 -0.10 14.69 -26.24
CA LEU B 502 0.57 15.00 -27.50
C LEU B 502 1.82 14.15 -27.70
N GLY B 503 2.51 13.77 -26.64
CA GLY B 503 3.71 12.98 -26.78
C GLY B 503 3.50 11.51 -27.04
N THR B 504 2.24 11.06 -27.01
CA THR B 504 1.95 9.67 -27.35
C THR B 504 2.28 9.39 -28.81
N ILE B 505 2.25 10.41 -29.66
CA ILE B 505 2.65 10.23 -31.04
C ILE B 505 4.10 9.76 -31.13
N ASN B 506 4.98 10.39 -30.34
CA ASN B 506 6.37 10.00 -30.34
C ASN B 506 6.62 8.72 -29.56
N SER B 507 5.78 8.43 -28.57
CA SER B 507 5.83 7.11 -27.93
C SER B 507 5.53 6.01 -28.94
N ILE B 508 4.57 6.26 -29.83
CA ILE B 508 4.22 5.30 -30.87
C ILE B 508 5.33 5.18 -31.89
N VAL B 509 5.98 6.30 -32.22
CA VAL B 509 7.09 6.26 -33.17
C VAL B 509 8.25 5.46 -32.59
N MET B 510 8.53 5.63 -31.30
CA MET B 510 9.58 4.85 -30.64
C MET B 510 9.28 3.36 -30.69
N ALA B 511 8.04 2.97 -30.37
CA ALA B 511 7.68 1.56 -30.40
C ALA B 511 7.71 1.00 -31.83
N PHE B 512 7.42 1.82 -32.83
CA PHE B 512 7.48 1.33 -34.20
C PHE B 512 8.93 1.16 -34.68
N LEU B 513 9.85 1.98 -34.20
CA LEU B 513 11.27 1.71 -34.43
C LEU B 513 11.69 0.40 -33.78
N GLY B 514 11.16 0.11 -32.58
CA GLY B 514 11.40 -1.19 -31.99
C GLY B 514 10.87 -2.33 -32.84
N VAL B 515 9.71 -2.12 -33.46
CA VAL B 515 9.16 -3.11 -34.39
C VAL B 515 10.12 -3.36 -35.54
N GLN B 516 10.74 -2.29 -36.06
CA GLN B 516 11.72 -2.45 -37.12
C GLN B 516 12.89 -3.31 -36.67
N ALA B 517 13.32 -3.16 -35.42
CA ALA B 517 14.38 -4.03 -34.91
C ALA B 517 13.95 -5.49 -34.90
N GLY B 518 12.71 -5.77 -34.48
CA GLY B 518 12.22 -7.13 -34.52
C GLY B 518 12.12 -7.69 -35.93
N LYS B 519 11.75 -6.85 -36.89
CA LYS B 519 11.73 -7.28 -38.29
C LYS B 519 13.11 -7.63 -38.78
N ILE B 520 14.13 -6.85 -38.40
CA ILE B 520 15.50 -7.18 -38.76
C ILE B 520 15.88 -8.53 -38.19
N LEU B 521 15.49 -8.81 -36.95
CA LEU B 521 15.88 -10.06 -36.31
C LEU B 521 15.22 -11.27 -36.96
N LEU B 522 13.98 -11.12 -37.46
CA LEU B 522 13.29 -12.27 -38.03
C LEU B 522 13.55 -12.44 -39.52
N TYR B 523 13.56 -11.36 -40.29
CA TYR B 523 13.77 -11.48 -41.73
C TYR B 523 15.14 -12.05 -42.05
N TYR B 524 16.12 -11.85 -41.18
CA TYR B 524 17.50 -12.23 -41.40
C TYR B 524 18.03 -13.08 -40.26
N LYS B 525 17.23 -14.02 -39.75
CA LYS B 525 17.65 -14.79 -38.59
C LYS B 525 18.79 -15.74 -38.92
N ALA B 526 18.86 -16.21 -40.17
CA ALA B 526 19.92 -17.15 -40.54
C ALA B 526 21.29 -16.50 -40.48
N ARG B 527 21.40 -15.26 -40.93
CA ARG B 527 22.68 -14.60 -41.13
C ARG B 527 22.92 -13.59 -40.02
N THR B 528 24.02 -13.74 -39.29
CA THR B 528 24.40 -12.79 -38.26
C THR B 528 24.99 -11.52 -38.84
N LYS B 529 25.74 -11.63 -39.93
CA LYS B 529 26.32 -10.44 -40.55
C LYS B 529 25.25 -9.47 -41.03
N ASP B 530 24.16 -10.01 -41.58
CA ASP B 530 23.06 -9.15 -42.04
C ASP B 530 22.40 -8.43 -40.88
N ILE B 531 22.16 -9.14 -39.77
CA ILE B 531 21.54 -8.52 -38.60
C ILE B 531 22.44 -7.40 -38.07
N LEU B 532 23.73 -7.67 -37.94
CA LEU B 532 24.64 -6.68 -37.38
C LEU B 532 24.79 -5.48 -38.30
N ILE B 533 24.84 -5.71 -39.61
CA ILE B 533 24.93 -4.60 -40.57
C ILE B 533 23.71 -3.70 -40.43
N ARG B 534 22.52 -4.30 -40.31
CA ARG B 534 21.30 -3.50 -40.26
C ARG B 534 21.18 -2.74 -38.94
N PHE B 535 21.57 -3.36 -37.82
CA PHE B 535 21.58 -2.63 -36.55
C PHE B 535 22.54 -1.45 -36.60
N THR B 536 23.73 -1.64 -37.17
CA THR B 536 24.69 -0.54 -37.27
C THR B 536 24.18 0.57 -38.17
N ALA B 537 23.59 0.22 -39.32
CA ALA B 537 23.11 1.25 -40.23
C ALA B 537 21.98 2.06 -39.61
N TRP B 538 21.06 1.38 -38.91
CA TRP B 538 19.96 2.10 -38.26
C TRP B 538 20.48 3.00 -37.14
N CYS B 539 21.44 2.52 -36.36
CA CYS B 539 22.04 3.35 -35.32
C CYS B 539 22.68 4.60 -35.91
N CYS B 540 23.43 4.45 -37.01
CA CYS B 540 24.09 5.61 -37.61
C CYS B 540 23.08 6.60 -38.18
N ILE B 541 22.03 6.12 -38.85
CA ILE B 541 21.04 7.02 -39.43
C ILE B 541 20.32 7.80 -38.34
N LEU B 542 19.86 7.10 -37.30
CA LEU B 542 19.14 7.77 -36.23
C LEU B 542 20.05 8.73 -35.46
N GLY B 543 21.31 8.36 -35.27
CA GLY B 543 22.24 9.25 -34.60
C GLY B 543 22.53 10.50 -35.41
N LEU B 544 22.62 10.37 -36.73
CA LEU B 544 22.82 11.54 -37.57
C LEU B 544 21.62 12.48 -37.50
N ILE B 545 20.40 11.92 -37.52
CA ILE B 545 19.20 12.76 -37.39
C ILE B 545 19.20 13.48 -36.05
N SER B 546 19.55 12.76 -34.98
CA SER B 546 19.56 13.36 -33.64
C SER B 546 20.62 14.46 -33.53
N VAL B 547 21.79 14.25 -34.12
CA VAL B 547 22.82 15.28 -34.12
C VAL B 547 22.37 16.50 -34.89
N ALA B 548 21.65 16.30 -35.99
CA ALA B 548 21.15 17.43 -36.77
C ALA B 548 20.12 18.24 -35.97
N LEU B 549 19.19 17.55 -35.29
CA LEU B 549 18.15 18.26 -34.56
C LEU B 549 18.70 18.97 -33.33
N THR B 550 19.48 18.29 -32.52
CA THR B 550 19.93 18.85 -31.25
C THR B 550 21.10 19.82 -31.40
N LYS B 551 21.83 19.76 -32.51
CA LYS B 551 23.05 20.56 -32.69
C LYS B 551 24.03 20.31 -31.56
N VAL B 552 24.12 19.05 -31.14
CA VAL B 552 24.91 18.56 -30.01
C VAL B 552 24.96 19.56 -28.86
N SER B 553 23.82 20.20 -28.59
CA SER B 553 23.72 21.17 -27.51
C SER B 553 22.48 20.86 -26.69
N GLU B 554 22.53 21.21 -25.40
CA GLU B 554 21.44 20.85 -24.51
C GLU B 554 20.21 21.70 -24.74
N ASN B 555 20.38 23.01 -24.94
CA ASN B 555 19.25 23.92 -25.06
C ASN B 555 19.20 24.71 -26.37
N GLU B 556 20.19 24.57 -27.25
CA GLU B 556 20.28 25.41 -28.43
C GLU B 556 19.90 24.72 -29.74
N GLY B 557 19.37 23.50 -29.69
CA GLY B 557 19.00 22.82 -30.91
C GLY B 557 17.71 23.34 -31.49
N PHE B 558 17.34 22.79 -32.65
CA PHE B 558 16.04 23.10 -33.22
C PHE B 558 14.93 22.37 -32.47
N ILE B 559 15.16 21.11 -32.11
CA ILE B 559 14.30 20.35 -31.21
C ILE B 559 15.20 19.73 -30.15
N PRO B 560 15.41 20.36 -29.01
CA PRO B 560 16.30 19.79 -28.00
C PRO B 560 15.74 18.51 -27.39
N VAL B 561 16.63 17.73 -26.79
CA VAL B 561 16.21 16.51 -26.09
C VAL B 561 15.40 16.90 -24.87
N ASN B 562 14.22 16.31 -24.73
CA ASN B 562 13.30 16.71 -23.66
C ASN B 562 12.37 15.55 -23.39
N LYS B 563 12.47 14.96 -22.21
CA LYS B 563 11.58 13.88 -21.84
C LYS B 563 10.14 14.36 -21.66
N ASN B 564 9.97 15.55 -21.09
CA ASN B 564 8.62 16.04 -20.80
C ASN B 564 7.81 16.26 -22.06
N LEU B 565 8.43 16.77 -23.12
CA LEU B 565 7.75 16.90 -24.38
C LEU B 565 7.78 15.63 -25.22
N TRP B 566 8.59 14.64 -24.83
CA TRP B 566 8.86 13.45 -25.64
C TRP B 566 9.22 13.84 -27.06
N SER B 567 10.26 14.67 -27.15
CA SER B 567 10.64 15.30 -28.40
C SER B 567 10.95 14.28 -29.48
N LEU B 568 11.06 14.78 -30.70
CA LEU B 568 11.54 13.93 -31.79
C LEU B 568 13.00 13.54 -31.59
N SER B 569 13.83 14.49 -31.16
CA SER B 569 15.25 14.20 -30.95
C SER B 569 15.48 13.30 -29.75
N TYR B 570 14.60 13.35 -28.75
CA TYR B 570 14.63 12.40 -27.66
C TYR B 570 14.42 10.98 -28.18
N VAL B 571 13.47 10.82 -29.11
CA VAL B 571 13.16 9.51 -29.66
C VAL B 571 14.32 9.00 -30.51
N THR B 572 14.86 9.85 -31.39
CA THR B 572 15.94 9.41 -32.26
C THR B 572 17.22 9.12 -31.46
N THR B 573 17.52 9.93 -30.45
CA THR B 573 18.69 9.69 -29.62
C THR B 573 18.56 8.36 -28.88
N LEU B 574 17.44 8.14 -28.19
CA LEU B 574 17.28 6.92 -27.42
C LEU B 574 17.12 5.69 -28.31
N SER B 575 16.67 5.87 -29.55
CA SER B 575 16.58 4.76 -30.49
C SER B 575 17.93 4.35 -31.02
N SER B 576 18.81 5.32 -31.32
CA SER B 576 20.17 4.97 -31.70
C SER B 576 20.90 4.29 -30.55
N PHE B 577 20.66 4.74 -29.31
CA PHE B 577 21.23 4.04 -28.17
C PHE B 577 20.74 2.60 -28.09
N ALA B 578 19.45 2.37 -28.32
CA ALA B 578 18.91 1.01 -28.21
C ALA B 578 19.40 0.12 -29.34
N PHE B 579 19.57 0.67 -30.55
CA PHE B 579 20.14 -0.10 -31.64
C PHE B 579 21.58 -0.49 -31.35
N PHE B 580 22.35 0.42 -30.74
CA PHE B 580 23.73 0.07 -30.36
C PHE B 580 23.76 -1.00 -29.27
N ILE B 581 22.87 -0.90 -28.29
CA ILE B 581 22.83 -1.91 -27.24
C ILE B 581 22.49 -3.28 -27.83
N LEU B 582 21.52 -3.32 -28.76
CA LEU B 582 21.22 -4.58 -29.43
C LEU B 582 22.40 -5.09 -30.24
N LEU B 583 23.11 -4.19 -30.91
CA LEU B 583 24.27 -4.59 -31.68
C LEU B 583 25.33 -5.26 -30.81
N VAL B 584 25.44 -4.84 -29.54
CA VAL B 584 26.41 -5.45 -28.64
C VAL B 584 25.85 -6.70 -27.96
N LEU B 585 24.58 -6.70 -27.58
CA LEU B 585 24.01 -7.83 -26.84
C LEU B 585 23.69 -9.02 -27.73
N TYR B 586 23.37 -8.81 -29.00
CA TYR B 586 22.98 -9.94 -29.83
C TYR B 586 24.09 -10.97 -30.00
N PRO B 587 25.30 -10.62 -30.45
CA PRO B 587 26.34 -11.66 -30.51
C PRO B 587 26.66 -12.24 -29.15
N VAL B 588 26.90 -11.39 -28.15
CA VAL B 588 27.39 -11.86 -26.84
C VAL B 588 26.41 -12.82 -26.21
N VAL B 589 25.13 -12.47 -26.18
CA VAL B 589 24.15 -13.28 -25.46
C VAL B 589 23.52 -14.36 -26.33
N ASP B 590 23.41 -14.13 -27.64
CA ASP B 590 22.64 -15.00 -28.52
C ASP B 590 23.49 -15.77 -29.52
N VAL B 591 24.45 -15.12 -30.17
CA VAL B 591 25.22 -15.81 -31.20
C VAL B 591 26.35 -16.61 -30.58
N LYS B 592 27.26 -15.94 -29.87
CA LYS B 592 28.37 -16.65 -29.25
C LYS B 592 27.97 -17.37 -27.98
N GLY B 593 27.02 -16.84 -27.23
CA GLY B 593 26.66 -17.44 -25.96
C GLY B 593 27.66 -17.22 -24.85
N LEU B 594 28.51 -16.19 -24.97
CA LEU B 594 29.49 -15.92 -23.92
C LEU B 594 28.82 -15.60 -22.60
N TRP B 595 27.73 -14.84 -22.65
CA TRP B 595 26.99 -14.42 -21.48
C TRP B 595 25.56 -14.92 -21.62
N THR B 596 24.94 -15.29 -20.51
CA THR B 596 23.60 -15.86 -20.54
C THR B 596 22.51 -14.87 -20.14
N GLY B 597 22.87 -13.60 -19.92
CA GLY B 597 21.91 -12.61 -19.51
C GLY B 597 21.74 -12.45 -18.02
N THR B 598 22.34 -13.31 -17.21
CA THR B 598 22.13 -13.27 -15.78
C THR B 598 22.72 -11.98 -15.18
N PRO B 599 22.03 -11.37 -14.22
CA PRO B 599 20.72 -11.73 -13.68
C PRO B 599 19.60 -10.88 -14.29
N PHE B 600 19.75 -10.40 -15.51
CA PHE B 600 18.87 -9.37 -16.03
C PHE B 600 17.65 -9.90 -16.76
N PHE B 601 17.68 -11.14 -17.24
CA PHE B 601 16.50 -11.63 -17.94
C PHE B 601 15.43 -12.17 -16.99
N TYR B 602 15.76 -12.35 -15.72
CA TYR B 602 14.74 -12.75 -14.75
C TYR B 602 13.66 -11.70 -14.57
N PRO B 603 13.96 -10.42 -14.35
CA PRO B 603 12.89 -9.41 -14.39
C PRO B 603 12.44 -9.04 -15.79
N GLY B 604 13.24 -9.30 -16.82
CA GLY B 604 12.79 -9.11 -18.17
C GLY B 604 11.71 -10.08 -18.59
N MET B 605 11.57 -11.19 -17.87
CA MET B 605 10.50 -12.13 -18.13
C MET B 605 9.23 -11.84 -17.34
N ASN B 606 9.29 -10.98 -16.32
CA ASN B 606 8.18 -10.63 -15.45
C ASN B 606 8.12 -9.13 -15.24
N SER B 607 8.36 -8.37 -16.31
CA SER B 607 8.41 -6.92 -16.24
C SER B 607 7.16 -6.30 -15.63
N ILE B 608 5.98 -6.73 -16.07
CA ILE B 608 4.75 -6.08 -15.62
C ILE B 608 4.51 -6.35 -14.13
N LEU B 609 4.76 -7.57 -13.68
CA LEU B 609 4.58 -7.89 -12.28
C LEU B 609 5.59 -7.18 -11.40
N VAL B 610 6.83 -7.01 -11.90
CA VAL B 610 7.84 -6.30 -11.13
C VAL B 610 7.51 -4.81 -11.05
N TYR B 611 7.06 -4.22 -12.17
CA TYR B 611 6.75 -2.79 -12.16
C TYR B 611 5.57 -2.48 -11.25
N VAL B 612 4.49 -3.25 -11.35
CA VAL B 612 3.36 -3.04 -10.46
C VAL B 612 3.74 -3.36 -9.02
N GLY B 613 4.60 -4.37 -8.83
CA GLY B 613 4.98 -4.75 -7.49
C GLY B 613 5.73 -3.67 -6.73
N HIS B 614 6.69 -3.00 -7.39
CA HIS B 614 7.48 -2.06 -6.61
C HIS B 614 6.71 -0.78 -6.36
N GLU B 615 5.66 -0.53 -7.14
CA GLU B 615 4.76 0.59 -6.87
C GLU B 615 3.86 0.31 -5.68
N VAL B 616 3.36 -0.93 -5.58
CA VAL B 616 2.52 -1.29 -4.45
C VAL B 616 3.34 -1.36 -3.17
N PHE B 617 4.53 -1.93 -3.24
CA PHE B 617 5.36 -2.20 -2.07
C PHE B 617 6.57 -1.27 -2.01
N GLU B 618 6.38 0.00 -2.33
CA GLU B 618 7.49 0.94 -2.30
C GLU B 618 7.90 1.33 -0.89
N ASN B 619 6.93 1.53 0.00
CA ASN B 619 7.19 1.98 1.37
C ASN B 619 7.42 0.83 2.32
N TYR B 620 7.34 -0.41 1.86
CA TYR B 620 7.40 -1.57 2.72
C TYR B 620 8.85 -1.95 3.02
N PHE B 621 9.10 -2.32 4.27
CA PHE B 621 10.32 -3.02 4.59
C PHE B 621 10.30 -4.39 3.91
N PRO B 622 11.42 -4.85 3.34
CA PRO B 622 12.80 -4.37 3.40
C PRO B 622 13.19 -3.39 2.30
N PHE B 623 12.24 -2.94 1.49
CA PHE B 623 12.57 -1.99 0.43
C PHE B 623 12.87 -0.62 1.00
N GLN B 624 12.33 -0.31 2.18
CA GLN B 624 12.51 1.02 2.77
C GLN B 624 12.41 0.90 4.28
N TRP B 625 13.43 1.34 4.97
CA TRP B 625 13.44 1.41 6.43
C TRP B 625 13.74 2.84 6.85
N LYS B 626 13.85 3.06 8.15
CA LYS B 626 14.09 4.39 8.68
C LYS B 626 15.58 4.69 8.65
N LEU B 627 15.94 5.84 8.11
CA LEU B 627 17.34 6.21 7.93
C LEU B 627 17.86 6.97 9.14
N LYS B 628 19.07 6.62 9.56
CA LYS B 628 19.72 7.36 10.64
C LYS B 628 19.98 8.80 10.24
N ASP B 629 20.41 9.02 8.99
CA ASP B 629 20.65 10.35 8.45
C ASP B 629 19.89 10.48 7.12
N ASN B 630 18.88 11.34 7.09
CA ASN B 630 18.13 11.60 5.87
C ASN B 630 18.83 12.58 4.95
N GLN B 631 19.93 13.20 5.38
CA GLN B 631 20.71 14.10 4.55
C GLN B 631 21.97 13.44 4.02
N SER B 632 22.00 12.11 3.97
CA SER B 632 23.17 11.36 3.56
C SER B 632 22.89 10.72 2.21
N HIS B 633 23.84 10.90 1.28
CA HIS B 633 23.77 10.20 -0.01
C HIS B 633 24.11 8.73 0.15
N LYS B 634 25.04 8.42 1.05
CA LYS B 634 25.47 7.04 1.25
C LYS B 634 24.33 6.16 1.74
N GLU B 635 23.53 6.67 2.68
CA GLU B 635 22.46 5.86 3.26
C GLU B 635 21.30 5.68 2.30
N HIS B 636 20.94 6.73 1.56
CA HIS B 636 19.92 6.60 0.54
C HIS B 636 20.37 5.66 -0.58
N LEU B 637 21.63 5.78 -1.00
CA LEU B 637 22.13 4.92 -2.07
C LEU B 637 22.13 3.46 -1.65
N THR B 638 22.57 3.18 -0.42
CA THR B 638 22.55 1.80 0.06
C THR B 638 21.14 1.25 0.12
N GLN B 639 20.19 2.06 0.60
CA GLN B 639 18.81 1.62 0.66
C GLN B 639 18.26 1.30 -0.72
N ASN B 640 18.52 2.17 -1.71
CA ASN B 640 17.95 1.98 -3.04
C ASN B 640 18.60 0.81 -3.77
N ILE B 641 19.90 0.63 -3.60
CA ILE B 641 20.59 -0.51 -4.20
C ILE B 641 20.09 -1.82 -3.61
N VAL B 642 19.92 -1.86 -2.29
CA VAL B 642 19.42 -3.08 -1.64
C VAL B 642 18.02 -3.40 -2.13
N ALA B 643 17.16 -2.40 -2.23
CA ALA B 643 15.78 -2.64 -2.69
C ALA B 643 15.74 -3.13 -4.13
N THR B 644 16.58 -2.56 -5.00
CA THR B 644 16.61 -2.99 -6.39
C THR B 644 17.12 -4.42 -6.52
N ALA B 645 18.17 -4.77 -5.77
CA ALA B 645 18.66 -6.14 -5.78
C ALA B 645 17.61 -7.11 -5.24
N LEU B 646 16.79 -6.66 -4.27
CA LEU B 646 15.73 -7.51 -3.77
C LEU B 646 14.66 -7.76 -4.83
N TRP B 647 14.39 -6.80 -5.70
CA TRP B 647 13.42 -7.07 -6.76
C TRP B 647 14.00 -7.96 -7.85
N VAL B 648 15.31 -7.90 -8.08
CA VAL B 648 15.94 -8.87 -8.96
C VAL B 648 15.81 -10.27 -8.39
N LEU B 649 16.04 -10.42 -7.08
CA LEU B 649 15.90 -11.73 -6.44
C LEU B 649 14.47 -12.23 -6.47
N ILE B 650 13.50 -11.35 -6.23
CA ILE B 650 12.09 -11.74 -6.29
C ILE B 650 11.73 -12.24 -7.69
N ALA B 651 12.19 -11.54 -8.72
CA ALA B 651 11.91 -11.98 -10.08
C ALA B 651 12.60 -13.29 -10.43
N TYR B 652 13.81 -13.51 -9.91
CA TYR B 652 14.46 -14.80 -10.08
C TYR B 652 13.65 -15.92 -9.44
N ILE B 653 13.10 -15.66 -8.25
CA ILE B 653 12.30 -16.66 -7.55
C ILE B 653 11.03 -16.97 -8.34
N LEU B 654 10.40 -15.95 -8.92
CA LEU B 654 9.23 -16.19 -9.77
C LEU B 654 9.60 -16.97 -11.03
N TYR B 655 10.80 -16.77 -11.55
CA TYR B 655 11.25 -17.55 -12.71
C TYR B 655 11.47 -19.00 -12.35
N ARG B 656 12.02 -19.26 -11.16
CA ARG B 656 12.23 -20.64 -10.73
C ARG B 656 10.91 -21.39 -10.55
N LYS B 657 9.89 -20.69 -10.10
CA LYS B 657 8.55 -21.25 -9.95
C LYS B 657 7.73 -21.20 -11.23
N LYS B 658 8.29 -20.66 -12.31
CA LYS B 658 7.61 -20.54 -13.60
C LYS B 658 6.33 -19.72 -13.51
N ILE B 659 6.28 -18.76 -12.58
CA ILE B 659 5.09 -17.91 -12.43
C ILE B 659 5.33 -16.69 -13.31
N PHE B 660 5.01 -16.83 -14.59
CA PHE B 660 5.13 -15.74 -15.55
C PHE B 660 3.74 -15.17 -15.81
N TRP B 661 3.56 -13.89 -15.52
CA TRP B 661 2.30 -13.21 -15.77
C TRP B 661 2.46 -12.39 -17.04
N LYS B 662 1.60 -12.66 -18.02
CA LYS B 662 1.55 -11.89 -19.25
C LYS B 662 0.21 -11.17 -19.27
N ILE B 663 0.26 -9.84 -19.21
CA ILE B 663 -0.93 -9.01 -19.08
C ILE B 663 -1.98 -9.33 -20.14
#